data_2ZUX
#
_entry.id   2ZUX
#
_cell.length_a   57.282
_cell.length_b   105.858
_cell.length_c   100.967
_cell.angle_alpha   90.00
_cell.angle_beta   94.82
_cell.angle_gamma   90.00
#
_symmetry.space_group_name_H-M   'P 1 21 1'
#
loop_
_entity.id
_entity.type
_entity.pdbx_description
1 polymer 'YesW protein'
2 non-polymer 'CALCIUM ION'
3 non-polymer alpha-L-rhamnopyranose
4 non-polymer (4S)-2-METHYL-2,4-PENTANEDIOL
5 water water
#
_entity_poly.entity_id   1
_entity_poly.type   'polypeptide(L)'
_entity_poly.pdbx_seq_one_letter_code
;AARQMEALNRGLVAVKTDGGIFVSWRFLGTENASVLFNVYRDGQKLNAAPVKTTNYVDKNGSAGSTYTVRAVVNGTEQPA
SEKASVWAQPYHSVPLDKPAGGTTPKGESYTYSANDASVGDVDGDGQYELILKWDPSNSKDNSQDGYTGDVLIDAYKLDG
TKLWRINLGKNIRAGAHYTQFMVYDLDGDGKAEVAMKTADGTKDGTGKVIGNANADYRNEQGRVLSGPEYLTVFQGSTGK
ELVTANFEPARGNVSDWGDSYGNRVDRFLAGIAYLDGQRPSLIMTRGYYAKTMLVAYNFRDGKLSKLWTLDSSKSGNEAF
AGQGNHNLSIADVDGDGKDEIIFGSMAVDHDGKGMYSTGLGHGDALHTGDLDPGRPGLEVFQVHEDKNAKYGLSFRDAAT
GKILWGVYAGKDVGRGMAADIDPRYPGQEVWANGSLYSAKGVKIGSGVPSSTNFGIWWDGDLLREQLDSNRIDKWDYQNG
VSKNMLTASGAAANNGTKATPTLQADLLGDWREEVVWRTEDSSALRIYTTTIPTEHRLYTLMHDPVYRLGIAWQNIAYNQ
PPHTSFFLGDGMAEQPKPNMYTPLEHHHHHH
;
_entity_poly.pdbx_strand_id   A,B
#
# COMPACT_ATOMS: atom_id res chain seq x y z
N ALA A 2 7.06 -3.23 23.83
CA ALA A 2 6.93 -3.85 22.47
C ALA A 2 8.10 -3.46 21.58
N ARG A 3 8.56 -4.42 20.77
CA ARG A 3 9.69 -4.20 19.85
C ARG A 3 9.24 -3.88 18.44
N GLN A 4 9.96 -2.98 17.79
CA GLN A 4 9.79 -2.78 16.36
C GLN A 4 10.08 -4.07 15.61
N MET A 5 9.13 -4.53 14.81
CA MET A 5 9.33 -5.67 13.90
C MET A 5 8.72 -5.35 12.55
N GLU A 6 8.93 -6.19 11.55
CA GLU A 6 8.55 -5.87 10.18
C GLU A 6 7.06 -6.06 9.93
N ALA A 7 6.48 -5.12 9.20
CA ALA A 7 5.14 -5.32 8.66
C ALA A 7 5.26 -6.28 7.48
N LEU A 8 4.76 -7.49 7.68
CA LEU A 8 4.87 -8.54 6.67
C LEU A 8 3.53 -8.79 6.01
N ASN A 9 3.56 -9.13 4.73
CA ASN A 9 2.35 -9.55 4.05
C ASN A 9 2.02 -11.00 4.42
N ARG A 10 1.04 -11.60 3.77
CA ARG A 10 0.58 -12.93 4.18
C ARG A 10 1.62 -14.02 3.91
N GLY A 11 2.60 -13.73 3.06
CA GLY A 11 3.63 -14.71 2.70
C GLY A 11 3.04 -15.92 2.01
N LEU A 12 1.90 -15.75 1.35
CA LEU A 12 1.19 -16.85 0.72
C LEU A 12 2.04 -17.48 -0.39
N VAL A 13 2.12 -18.81 -0.36
CA VAL A 13 2.85 -19.57 -1.38
C VAL A 13 2.02 -20.79 -1.78
N ALA A 14 2.08 -21.17 -3.06
CA ALA A 14 1.37 -22.32 -3.59
C ALA A 14 2.32 -23.10 -4.47
N VAL A 15 2.41 -24.40 -4.22
CA VAL A 15 3.40 -25.24 -4.86
C VAL A 15 2.74 -26.50 -5.40
N LYS A 16 2.99 -26.78 -6.66
CA LYS A 16 2.47 -27.99 -7.29
C LYS A 16 3.14 -29.23 -6.72
N THR A 17 2.33 -30.22 -6.36
CA THR A 17 2.79 -31.53 -5.94
C THR A 17 1.93 -32.59 -6.63
N ASP A 18 2.36 -33.85 -6.57
CA ASP A 18 1.59 -34.96 -7.12
C ASP A 18 0.20 -35.10 -6.49
N GLY A 19 0.07 -34.68 -5.23
CA GLY A 19 -1.19 -34.83 -4.50
C GLY A 19 -2.08 -33.60 -4.53
N GLY A 20 -1.73 -32.64 -5.39
CA GLY A 20 -2.47 -31.39 -5.49
C GLY A 20 -1.59 -30.19 -5.19
N ILE A 21 -2.21 -29.04 -5.00
CA ILE A 21 -1.46 -27.80 -4.75
C ILE A 21 -1.28 -27.59 -3.25
N PHE A 22 -0.03 -27.59 -2.81
CA PHE A 22 0.28 -27.28 -1.42
C PHE A 22 0.34 -25.78 -1.22
N VAL A 23 -0.47 -25.29 -0.28
CA VAL A 23 -0.56 -23.86 0.00
C VAL A 23 -0.16 -23.62 1.46
N SER A 24 0.71 -22.65 1.71
CA SER A 24 1.02 -22.26 3.08
C SER A 24 1.21 -20.75 3.20
N TRP A 25 1.05 -20.25 4.42
CA TRP A 25 1.05 -18.82 4.65
C TRP A 25 1.43 -18.52 6.10
N ARG A 26 1.63 -17.25 6.39
CA ARG A 26 2.08 -16.81 7.71
C ARG A 26 0.95 -16.66 8.70
N PHE A 27 1.24 -17.02 9.94
CA PHE A 27 0.49 -16.57 11.11
C PHE A 27 1.30 -15.39 11.63
N LEU A 28 0.74 -14.19 11.50
CA LEU A 28 1.49 -12.95 11.79
C LEU A 28 1.49 -12.61 13.26
N GLY A 29 2.59 -12.03 13.74
CA GLY A 29 2.77 -11.70 15.15
C GLY A 29 1.75 -10.73 15.71
N THR A 30 1.04 -10.06 14.81
CA THR A 30 -0.02 -9.12 15.17
C THR A 30 -1.38 -9.81 15.34
N GLU A 31 -1.43 -11.11 15.08
CA GLU A 31 -2.69 -11.85 15.11
C GLU A 31 -2.85 -12.67 16.39
N ASN A 32 -4.08 -12.71 16.88
CA ASN A 32 -4.45 -13.48 18.08
C ASN A 32 -4.66 -14.96 17.78
N ALA A 33 -4.64 -15.77 18.83
CA ALA A 33 -4.87 -17.21 18.71
C ALA A 33 -6.24 -17.55 18.13
N SER A 34 -7.19 -16.62 18.24
CA SER A 34 -8.55 -16.86 17.77
C SER A 34 -8.74 -16.64 16.27
N VAL A 35 -7.69 -16.17 15.58
CA VAL A 35 -7.78 -15.92 14.15
C VAL A 35 -7.81 -17.23 13.37
N LEU A 36 -8.72 -17.33 12.40
CA LEU A 36 -8.80 -18.47 11.51
C LEU A 36 -8.68 -17.98 10.08
N PHE A 37 -8.68 -18.90 9.12
CA PHE A 37 -8.46 -18.55 7.72
C PHE A 37 -9.39 -19.26 6.74
N ASN A 38 -9.77 -18.53 5.69
CA ASN A 38 -10.41 -19.14 4.53
C ASN A 38 -9.48 -19.12 3.33
N VAL A 39 -9.47 -20.23 2.59
CA VAL A 39 -8.60 -20.38 1.43
C VAL A 39 -9.43 -20.28 0.15
N TYR A 40 -8.99 -19.43 -0.78
CA TYR A 40 -9.69 -19.22 -2.04
C TYR A 40 -8.82 -19.56 -3.24
N ARG A 41 -9.38 -20.35 -4.15
CA ARG A 41 -8.75 -20.58 -5.45
C ARG A 41 -9.52 -19.80 -6.52
N ASP A 42 -8.88 -18.76 -7.05
CA ASP A 42 -9.44 -17.88 -8.07
C ASP A 42 -10.83 -17.33 -7.68
N GLY A 43 -10.93 -16.88 -6.43
CA GLY A 43 -12.13 -16.23 -5.92
C GLY A 43 -13.15 -17.15 -5.28
N GLN A 44 -12.91 -18.45 -5.36
CA GLN A 44 -13.84 -19.44 -4.83
C GLN A 44 -13.29 -20.14 -3.59
N LYS A 45 -14.08 -20.14 -2.52
CA LYS A 45 -13.68 -20.72 -1.24
C LYS A 45 -13.58 -22.24 -1.31
N LEU A 46 -12.49 -22.78 -0.75
CA LEU A 46 -12.21 -24.22 -0.80
C LEU A 46 -12.66 -24.96 0.44
N ASN A 47 -12.52 -24.30 1.60
CA ASN A 47 -12.81 -24.90 2.89
C ASN A 47 -14.21 -24.50 3.38
N ALA A 48 -15.00 -25.50 3.79
CA ALA A 48 -16.37 -25.28 4.27
C ALA A 48 -16.42 -24.49 5.58
N ALA A 49 -15.44 -24.74 6.46
CA ALA A 49 -15.28 -24.01 7.70
C ALA A 49 -13.87 -23.42 7.78
N PRO A 50 -13.73 -22.22 8.37
CA PRO A 50 -12.40 -21.61 8.51
C PRO A 50 -11.39 -22.56 9.14
N VAL A 51 -10.18 -22.57 8.58
CA VAL A 51 -9.13 -23.46 9.08
C VAL A 51 -8.24 -22.72 10.06
N LYS A 52 -7.61 -23.48 10.95
CA LYS A 52 -6.71 -22.92 11.93
C LYS A 52 -5.27 -22.98 11.42
N THR A 53 -4.80 -24.17 11.06
CA THR A 53 -3.42 -24.33 10.60
C THR A 53 -3.17 -23.56 9.30
N THR A 54 -1.94 -23.07 9.15
CA THR A 54 -1.61 -22.22 8.01
C THR A 54 -0.99 -22.97 6.83
N ASN A 55 -1.44 -24.20 6.61
CA ASN A 55 -1.18 -24.91 5.37
C ASN A 55 -2.42 -25.68 4.94
N TYR A 56 -2.53 -25.90 3.63
CA TYR A 56 -3.73 -26.48 3.05
C TYR A 56 -3.35 -27.18 1.75
N VAL A 57 -3.89 -28.37 1.53
CA VAL A 57 -3.66 -29.07 0.26
C VAL A 57 -4.93 -29.03 -0.59
N ASP A 58 -4.83 -28.36 -1.73
CA ASP A 58 -5.94 -28.27 -2.70
C ASP A 58 -5.76 -29.35 -3.76
N LYS A 59 -6.54 -30.42 -3.63
CA LYS A 59 -6.48 -31.56 -4.55
C LYS A 59 -6.97 -31.22 -5.95
N ASN A 60 -7.80 -30.18 -6.06
CA ASN A 60 -8.41 -29.80 -7.33
C ASN A 60 -7.71 -28.69 -8.10
N GLY A 61 -6.66 -28.12 -7.50
CA GLY A 61 -5.94 -27.01 -8.11
C GLY A 61 -5.07 -27.42 -9.28
N SER A 62 -4.74 -26.45 -10.13
CA SER A 62 -3.87 -26.70 -11.27
C SER A 62 -2.72 -25.71 -11.33
N ALA A 63 -1.79 -25.93 -12.28
CA ALA A 63 -0.64 -25.05 -12.47
C ALA A 63 -1.01 -23.61 -12.82
N GLY A 64 -2.21 -23.43 -13.39
CA GLY A 64 -2.71 -22.10 -13.75
C GLY A 64 -3.53 -21.41 -12.68
N SER A 65 -3.76 -22.09 -11.55
CA SER A 65 -4.58 -21.54 -10.47
C SER A 65 -3.88 -20.40 -9.71
N THR A 66 -4.67 -19.48 -9.15
CA THR A 66 -4.14 -18.47 -8.24
C THR A 66 -4.89 -18.54 -6.92
N TYR A 67 -4.20 -18.19 -5.85
CA TYR A 67 -4.75 -18.33 -4.50
C TYR A 67 -4.71 -17.04 -3.72
N THR A 68 -5.70 -16.89 -2.84
CA THR A 68 -5.70 -15.85 -1.82
C THR A 68 -6.16 -16.50 -0.52
N VAL A 69 -5.83 -15.86 0.59
CA VAL A 69 -6.32 -16.25 1.89
C VAL A 69 -6.99 -15.04 2.55
N ARG A 70 -8.05 -15.30 3.31
CA ARG A 70 -8.71 -14.25 4.08
C ARG A 70 -8.73 -14.67 5.54
N ALA A 71 -8.22 -13.81 6.41
CA ALA A 71 -8.30 -14.03 7.85
C ALA A 71 -9.75 -13.84 8.31
N VAL A 72 -10.12 -14.59 9.35
CA VAL A 72 -11.42 -14.43 9.99
C VAL A 72 -11.16 -13.99 11.42
N VAL A 73 -11.54 -12.74 11.71
CA VAL A 73 -11.25 -12.11 13.00
C VAL A 73 -12.57 -11.71 13.65
N ASN A 74 -12.77 -12.15 14.89
CA ASN A 74 -14.00 -11.89 15.65
C ASN A 74 -15.26 -12.18 14.83
N GLY A 75 -15.22 -13.27 14.07
CA GLY A 75 -16.33 -13.70 13.24
C GLY A 75 -16.45 -13.04 11.88
N THR A 76 -15.58 -12.07 11.60
CA THR A 76 -15.65 -11.27 10.38
C THR A 76 -14.47 -11.51 9.45
N GLU A 77 -14.78 -11.84 8.19
CA GLU A 77 -13.77 -12.08 7.18
C GLU A 77 -13.06 -10.79 6.78
N GLN A 78 -11.73 -10.84 6.73
CA GLN A 78 -10.91 -9.67 6.41
C GLN A 78 -10.59 -9.63 4.91
N PRO A 79 -10.04 -8.50 4.43
CA PRO A 79 -9.67 -8.41 3.01
C PRO A 79 -8.70 -9.51 2.58
N ALA A 80 -8.77 -9.90 1.31
CA ALA A 80 -7.92 -10.94 0.76
C ALA A 80 -6.44 -10.56 0.82
N SER A 81 -5.60 -11.57 1.01
CA SER A 81 -4.16 -11.43 0.92
C SER A 81 -3.76 -11.06 -0.50
N GLU A 82 -2.47 -10.80 -0.69
CA GLU A 82 -1.90 -10.76 -2.02
C GLU A 82 -2.17 -12.09 -2.75
N LYS A 83 -2.27 -12.03 -4.07
CA LYS A 83 -2.48 -13.22 -4.89
C LYS A 83 -1.19 -14.03 -5.03
N ALA A 84 -1.32 -15.35 -4.96
CA ALA A 84 -0.20 -16.26 -5.18
C ALA A 84 -0.44 -17.16 -6.37
N SER A 85 0.53 -17.22 -7.28
CA SER A 85 0.47 -18.18 -8.37
C SER A 85 1.16 -19.48 -7.94
N VAL A 86 0.99 -20.53 -8.72
CA VAL A 86 1.51 -21.86 -8.38
C VAL A 86 2.92 -22.08 -8.89
N TRP A 87 3.83 -22.45 -7.99
CA TRP A 87 5.18 -22.83 -8.38
C TRP A 87 5.15 -24.13 -9.14
N ALA A 88 5.64 -24.10 -10.38
CA ALA A 88 5.65 -25.29 -11.22
C ALA A 88 6.79 -26.25 -10.88
N GLN A 89 7.73 -25.79 -10.06
CA GLN A 89 8.82 -26.62 -9.54
C GLN A 89 8.81 -26.55 -8.00
N PRO A 90 9.45 -27.52 -7.32
CA PRO A 90 9.48 -27.49 -5.83
C PRO A 90 10.26 -26.31 -5.24
N TYR A 91 10.96 -25.58 -6.10
CA TYR A 91 11.69 -24.39 -5.71
C TYR A 91 11.32 -23.25 -6.63
N HIS A 92 11.55 -22.02 -6.17
CA HIS A 92 11.39 -20.84 -6.97
C HIS A 92 12.77 -20.31 -7.34
N SER A 93 13.00 -20.06 -8.63
CA SER A 93 14.28 -19.55 -9.11
C SER A 93 14.32 -18.04 -9.21
N VAL A 94 15.36 -17.46 -8.63
CA VAL A 94 15.65 -16.04 -8.79
C VAL A 94 16.86 -15.94 -9.71
N PRO A 95 16.67 -15.54 -10.97
CA PRO A 95 17.82 -15.43 -11.87
C PRO A 95 18.78 -14.36 -11.37
N LEU A 96 20.07 -14.61 -11.53
CA LEU A 96 21.10 -13.69 -11.08
C LEU A 96 21.81 -13.03 -12.24
N ASP A 97 22.37 -11.85 -11.99
CA ASP A 97 23.26 -11.20 -12.93
C ASP A 97 24.68 -11.55 -12.50
N LYS A 98 25.21 -12.64 -13.02
CA LYS A 98 26.50 -13.13 -12.58
C LYS A 98 27.59 -12.16 -13.04
N PRO A 99 28.40 -11.67 -12.09
CA PRO A 99 29.45 -10.71 -12.44
C PRO A 99 30.54 -11.39 -13.24
N ALA A 100 31.10 -10.65 -14.20
CA ALA A 100 32.23 -11.13 -14.99
C ALA A 100 33.46 -11.31 -14.12
N GLY A 101 34.29 -12.28 -14.48
CA GLY A 101 35.56 -12.51 -13.81
C GLY A 101 36.55 -11.40 -14.08
N GLY A 102 37.69 -11.47 -13.39
CA GLY A 102 38.72 -10.46 -13.54
C GLY A 102 40.09 -11.02 -13.33
N THR A 103 41.06 -10.11 -13.23
CA THR A 103 42.45 -10.45 -13.02
C THR A 103 43.02 -9.54 -11.94
N THR A 104 43.83 -10.10 -11.06
CA THR A 104 44.48 -9.34 -10.00
C THR A 104 45.72 -8.64 -10.54
N PRO A 105 46.32 -7.71 -9.77
CA PRO A 105 47.58 -7.09 -10.20
C PRO A 105 48.72 -8.10 -10.46
N LYS A 106 48.59 -9.32 -9.95
CA LYS A 106 49.61 -10.36 -10.14
C LYS A 106 49.32 -11.25 -11.35
N GLY A 107 48.25 -10.95 -12.07
CA GLY A 107 47.91 -11.70 -13.27
C GLY A 107 47.05 -12.93 -13.02
N GLU A 108 46.55 -13.06 -11.79
CA GLU A 108 45.70 -14.20 -11.43
C GLU A 108 44.25 -13.95 -11.84
N SER A 109 43.70 -14.89 -12.62
CA SER A 109 42.29 -14.84 -13.00
C SER A 109 41.40 -15.32 -11.85
N TYR A 110 40.20 -14.78 -11.79
CA TYR A 110 39.20 -15.24 -10.83
C TYR A 110 37.81 -15.10 -11.42
N THR A 111 36.90 -15.90 -10.90
CA THR A 111 35.49 -15.85 -11.29
C THR A 111 34.65 -15.70 -10.03
N TYR A 112 33.36 -15.47 -10.21
CA TYR A 112 32.45 -15.25 -9.09
C TYR A 112 31.46 -16.38 -8.87
N SER A 113 31.15 -16.62 -7.60
CA SER A 113 30.06 -17.52 -7.24
C SER A 113 29.18 -16.83 -6.21
N ALA A 114 27.89 -17.14 -6.26
CA ALA A 114 26.92 -16.61 -5.30
C ALA A 114 27.27 -17.18 -3.93
N ASN A 115 27.25 -16.35 -2.90
CA ASN A 115 27.72 -16.77 -1.59
C ASN A 115 26.64 -16.43 -0.54
N ASP A 116 27.03 -15.91 0.62
CA ASP A 116 26.10 -15.63 1.72
C ASP A 116 25.06 -14.60 1.33
N ALA A 117 23.84 -14.79 1.82
CA ALA A 117 22.80 -13.80 1.67
C ALA A 117 22.20 -13.37 3.00
N SER A 118 21.44 -12.28 2.92
CA SER A 118 20.54 -11.88 3.99
C SER A 118 19.22 -11.46 3.36
N VAL A 119 18.26 -11.08 4.18
CA VAL A 119 16.99 -10.55 3.69
C VAL A 119 16.60 -9.26 4.38
N GLY A 120 15.88 -8.42 3.65
CA GLY A 120 15.24 -7.25 4.19
C GLY A 120 14.18 -6.84 3.21
N ASP A 121 13.15 -6.15 3.71
CA ASP A 121 12.10 -5.62 2.86
C ASP A 121 12.50 -4.17 2.55
N VAL A 122 13.10 -3.97 1.38
CA VAL A 122 13.69 -2.68 1.06
C VAL A 122 12.67 -1.64 0.58
N ASP A 123 11.49 -2.10 0.16
CA ASP A 123 10.46 -1.20 -0.37
C ASP A 123 9.19 -1.17 0.46
N GLY A 124 9.14 -1.99 1.51
CA GLY A 124 8.07 -1.89 2.51
C GLY A 124 6.74 -2.53 2.17
N ASP A 125 6.75 -3.48 1.23
CA ASP A 125 5.50 -4.14 0.84
C ASP A 125 5.23 -5.44 1.60
N GLY A 126 6.12 -5.78 2.53
CA GLY A 126 5.93 -6.99 3.33
C GLY A 126 6.44 -8.28 2.72
N GLN A 127 7.14 -8.19 1.59
CA GLN A 127 7.83 -9.33 0.97
C GLN A 127 9.33 -9.06 0.99
N TYR A 128 10.10 -10.04 1.43
CA TYR A 128 11.56 -9.87 1.51
C TYR A 128 12.24 -9.82 0.15
N GLU A 129 13.25 -8.96 0.08
CA GLU A 129 14.26 -8.98 -0.96
C GLU A 129 15.46 -9.78 -0.46
N LEU A 130 16.23 -10.33 -1.39
CA LEU A 130 17.47 -11.02 -1.08
C LEU A 130 18.65 -10.09 -1.32
N ILE A 131 19.52 -9.99 -0.30
CA ILE A 131 20.76 -9.24 -0.41
C ILE A 131 21.87 -10.27 -0.49
N LEU A 132 22.56 -10.34 -1.63
CA LEU A 132 23.50 -11.40 -1.92
C LEU A 132 24.93 -10.92 -2.02
N LYS A 133 25.84 -11.64 -1.36
CA LYS A 133 27.27 -11.39 -1.47
C LYS A 133 27.83 -12.35 -2.52
N TRP A 134 28.57 -11.78 -3.48
CA TRP A 134 29.33 -12.56 -4.45
C TRP A 134 30.75 -12.78 -3.92
N ASP A 135 31.30 -13.97 -4.18
CA ASP A 135 32.65 -14.28 -3.72
C ASP A 135 33.55 -14.58 -4.91
N PRO A 136 34.69 -13.87 -5.00
CA PRO A 136 35.65 -14.20 -6.05
C PRO A 136 36.36 -15.50 -5.69
N SER A 137 36.77 -16.25 -6.71
CA SER A 137 37.34 -17.58 -6.50
C SER A 137 38.72 -17.55 -5.82
N ASN A 138 39.28 -16.37 -5.65
CA ASN A 138 40.54 -16.21 -4.92
C ASN A 138 40.36 -15.55 -3.55
N SER A 139 39.15 -15.59 -3.01
CA SER A 139 38.93 -15.04 -1.66
C SER A 139 39.83 -15.77 -0.65
N LYS A 140 40.14 -15.10 0.45
CA LYS A 140 41.23 -15.54 1.33
C LYS A 140 40.82 -15.63 2.79
N ASP A 141 41.29 -16.69 3.45
CA ASP A 141 41.32 -16.70 4.90
C ASP A 141 42.37 -15.69 5.39
N ASN A 142 42.18 -15.20 6.60
CA ASN A 142 43.12 -14.23 7.19
C ASN A 142 44.54 -14.76 7.32
N SER A 143 44.68 -16.08 7.38
CA SER A 143 46.01 -16.70 7.47
C SER A 143 46.77 -16.72 6.14
N GLN A 144 46.08 -16.43 5.04
CA GLN A 144 46.66 -16.56 3.70
C GLN A 144 47.01 -15.21 3.08
N ASP A 145 48.18 -15.14 2.46
CA ASP A 145 48.57 -13.96 1.69
C ASP A 145 48.06 -14.10 0.25
N GLY A 146 47.82 -12.96 -0.38
CA GLY A 146 47.44 -12.94 -1.79
C GLY A 146 46.33 -11.94 -2.07
N TYR A 147 46.32 -11.42 -3.30
CA TYR A 147 45.33 -10.46 -3.74
C TYR A 147 43.98 -11.12 -3.97
N THR A 148 42.90 -10.37 -3.76
CA THR A 148 41.55 -10.89 -3.99
C THR A 148 40.78 -10.02 -4.96
N GLY A 149 39.82 -10.62 -5.67
CA GLY A 149 38.89 -9.85 -6.49
C GLY A 149 37.94 -9.02 -5.63
N ASP A 150 37.27 -8.06 -6.26
CA ASP A 150 36.29 -7.21 -5.59
C ASP A 150 35.16 -8.03 -4.98
N VAL A 151 34.68 -7.58 -3.83
CA VAL A 151 33.47 -8.12 -3.22
C VAL A 151 32.29 -7.31 -3.74
N LEU A 152 31.27 -8.01 -4.25
CA LEU A 152 30.08 -7.37 -4.79
C LEU A 152 28.89 -7.78 -3.96
N ILE A 153 27.99 -6.83 -3.71
CA ILE A 153 26.75 -7.07 -2.96
C ILE A 153 25.61 -6.62 -3.85
N ASP A 154 24.67 -7.52 -4.10
CA ASP A 154 23.49 -7.21 -4.94
C ASP A 154 22.22 -7.28 -4.12
N ALA A 155 21.18 -6.58 -4.60
CA ALA A 155 19.82 -6.77 -4.10
C ALA A 155 18.94 -7.29 -5.21
N TYR A 156 18.18 -8.35 -4.92
CA TYR A 156 17.20 -8.91 -5.87
C TYR A 156 15.82 -8.97 -5.24
N LYS A 157 14.80 -8.60 -6.03
CA LYS A 157 13.44 -8.97 -5.71
C LYS A 157 13.25 -10.43 -6.05
N LEU A 158 12.25 -11.07 -5.43
CA LEU A 158 12.01 -12.49 -5.69
C LEU A 158 11.61 -12.76 -7.15
N ASP A 159 11.13 -11.72 -7.84
CA ASP A 159 10.76 -11.87 -9.26
C ASP A 159 11.97 -11.82 -10.19
N GLY A 160 13.16 -11.65 -9.61
CA GLY A 160 14.39 -11.61 -10.39
C GLY A 160 14.91 -10.22 -10.71
N THR A 161 14.16 -9.19 -10.36
CA THR A 161 14.59 -7.81 -10.61
C THR A 161 15.84 -7.52 -9.79
N LYS A 162 16.93 -7.17 -10.47
CA LYS A 162 18.13 -6.72 -9.79
C LYS A 162 18.01 -5.23 -9.48
N LEU A 163 17.97 -4.91 -8.19
CA LEU A 163 17.79 -3.51 -7.79
C LEU A 163 19.05 -2.69 -7.87
N TRP A 164 20.19 -3.31 -7.51
CA TRP A 164 21.48 -2.64 -7.51
C TRP A 164 22.61 -3.59 -7.22
N ARG A 165 23.82 -3.10 -7.47
CA ARG A 165 25.06 -3.73 -7.08
C ARG A 165 25.95 -2.69 -6.43
N ILE A 166 26.50 -3.05 -5.28
CA ILE A 166 27.56 -2.29 -4.61
C ILE A 166 28.87 -3.04 -4.84
N ASN A 167 29.90 -2.32 -5.26
CA ASN A 167 31.22 -2.89 -5.40
C ASN A 167 32.11 -2.35 -4.29
N LEU A 168 32.51 -3.22 -3.36
CA LEU A 168 33.25 -2.72 -2.19
C LEU A 168 34.66 -2.22 -2.54
N GLY A 169 35.18 -2.68 -3.68
CA GLY A 169 36.39 -2.11 -4.27
C GLY A 169 37.67 -2.70 -3.74
N LYS A 170 38.79 -2.21 -4.26
CA LYS A 170 40.11 -2.80 -4.00
C LYS A 170 40.57 -2.72 -2.55
N ASN A 171 39.98 -1.84 -1.76
CA ASN A 171 40.41 -1.66 -0.37
C ASN A 171 39.62 -2.47 0.65
N ILE A 172 38.79 -3.38 0.16
CA ILE A 172 38.10 -4.33 1.01
C ILE A 172 38.44 -5.73 0.52
N ARG A 173 39.24 -6.44 1.31
CA ARG A 173 39.68 -7.79 0.92
C ARG A 173 38.51 -8.78 0.98
N ALA A 174 38.50 -9.73 0.05
CA ALA A 174 37.48 -10.80 0.03
C ALA A 174 37.86 -11.97 0.91
N GLY A 175 36.90 -12.48 1.68
CA GLY A 175 37.10 -13.66 2.51
C GLY A 175 36.04 -13.67 3.61
N ALA A 176 35.87 -14.82 4.24
CA ALA A 176 34.78 -15.02 5.21
C ALA A 176 34.79 -14.00 6.35
N HIS A 177 35.97 -13.58 6.77
CA HIS A 177 36.11 -12.81 8.00
C HIS A 177 36.17 -11.32 7.79
N TYR A 178 36.06 -10.90 6.53
CA TYR A 178 36.16 -9.48 6.18
C TYR A 178 34.77 -8.80 6.20
N THR A 179 34.08 -8.72 5.05
CA THR A 179 32.78 -8.04 5.00
C THR A 179 31.72 -8.83 5.76
N GLN A 180 31.08 -8.13 6.69
CA GLN A 180 29.96 -8.64 7.49
C GLN A 180 28.81 -7.65 7.28
N PHE A 181 27.77 -8.07 6.56
CA PHE A 181 26.75 -7.13 6.12
C PHE A 181 25.44 -7.27 6.85
N MET A 182 24.95 -6.15 7.36
CA MET A 182 23.72 -6.11 8.14
C MET A 182 22.61 -5.51 7.32
N VAL A 183 21.50 -6.24 7.24
CA VAL A 183 20.32 -5.78 6.52
C VAL A 183 19.19 -5.64 7.52
N TYR A 184 18.66 -4.44 7.68
CA TYR A 184 17.66 -4.22 8.71
C TYR A 184 17.07 -2.84 8.56
N ASP A 185 15.82 -2.69 9.00
CA ASP A 185 15.20 -1.37 9.10
C ASP A 185 15.70 -0.72 10.39
N LEU A 186 16.86 -0.07 10.31
CA LEU A 186 17.50 0.53 11.47
C LEU A 186 16.77 1.75 12.00
N ASP A 187 16.17 2.54 11.10
CA ASP A 187 15.55 3.81 11.51
C ASP A 187 14.03 3.72 11.75
N GLY A 188 13.42 2.60 11.38
CA GLY A 188 12.02 2.35 11.70
C GLY A 188 11.00 3.01 10.79
N ASP A 189 11.36 3.21 9.52
CA ASP A 189 10.42 3.78 8.55
C ASP A 189 9.69 2.70 7.74
N GLY A 190 10.00 1.43 7.99
CA GLY A 190 9.37 0.30 7.30
C GLY A 190 10.16 -0.28 6.15
N LYS A 191 11.33 0.31 5.87
CA LYS A 191 12.18 -0.15 4.77
C LYS A 191 13.58 -0.48 5.28
N ALA A 192 14.12 -1.61 4.85
CA ALA A 192 15.45 -2.04 5.24
C ALA A 192 16.54 -1.22 4.59
N GLU A 193 17.61 -0.98 5.36
CA GLU A 193 18.86 -0.49 4.79
C GLU A 193 19.94 -1.57 4.94
N VAL A 194 21.10 -1.30 4.35
CA VAL A 194 22.21 -2.24 4.36
C VAL A 194 23.44 -1.53 4.90
N ALA A 195 24.06 -2.08 5.93
CA ALA A 195 25.22 -1.45 6.56
C ALA A 195 26.40 -2.39 6.57
N MET A 196 27.58 -1.85 6.29
CA MET A 196 28.80 -2.66 6.31
C MET A 196 30.01 -1.75 6.29
N LYS A 197 31.16 -2.35 6.57
CA LYS A 197 32.45 -1.67 6.48
C LYS A 197 32.80 -1.43 5.02
N THR A 198 33.24 -0.21 4.73
CA THR A 198 33.57 0.22 3.37
C THR A 198 34.93 0.92 3.40
N ALA A 199 35.38 1.38 2.25
CA ALA A 199 36.68 2.01 2.15
C ALA A 199 36.70 3.00 1.00
N ASP A 200 37.80 3.74 0.89
CA ASP A 200 38.03 4.54 -0.30
C ASP A 200 37.87 3.61 -1.50
N GLY A 201 37.12 4.05 -2.50
CA GLY A 201 36.96 3.23 -3.68
C GLY A 201 35.72 2.36 -3.69
N THR A 202 35.05 2.21 -2.55
CA THR A 202 33.77 1.52 -2.54
C THR A 202 32.80 2.31 -3.42
N LYS A 203 32.08 1.60 -4.30
CA LYS A 203 31.16 2.23 -5.23
C LYS A 203 29.73 1.83 -4.85
N ASP A 204 28.88 2.83 -4.60
CA ASP A 204 27.51 2.55 -4.18
C ASP A 204 26.66 2.10 -5.35
N GLY A 205 25.39 1.78 -5.08
CA GLY A 205 24.51 1.21 -6.09
C GLY A 205 24.16 2.17 -7.21
N THR A 206 24.44 3.46 -7.01
CA THR A 206 24.21 4.47 -8.05
C THR A 206 25.49 4.80 -8.82
N GLY A 207 26.57 4.10 -8.51
CA GLY A 207 27.84 4.32 -9.19
C GLY A 207 28.70 5.43 -8.61
N LYS A 208 28.36 5.89 -7.41
CA LYS A 208 29.13 6.94 -6.74
C LYS A 208 30.19 6.31 -5.87
N VAL A 209 31.42 6.75 -6.05
CA VAL A 209 32.55 6.20 -5.30
C VAL A 209 32.74 6.96 -3.99
N ILE A 210 32.91 6.21 -2.90
CA ILE A 210 33.11 6.74 -1.55
C ILE A 210 34.56 7.15 -1.33
N GLY A 211 34.77 8.30 -0.70
CA GLY A 211 36.09 8.75 -0.27
C GLY A 211 37.04 9.13 -1.40
N ASN A 212 38.29 8.75 -1.22
CA ASN A 212 39.38 9.00 -2.15
C ASN A 212 39.33 7.94 -3.24
N ALA A 213 38.69 8.27 -4.36
CA ALA A 213 38.28 7.28 -5.36
C ALA A 213 39.38 6.32 -5.80
N ASN A 214 40.59 6.85 -5.99
CA ASN A 214 41.68 6.10 -6.60
C ASN A 214 42.72 5.58 -5.63
N ALA A 215 42.54 5.85 -4.34
CA ALA A 215 43.49 5.40 -3.32
C ALA A 215 43.60 3.89 -3.32
N ASP A 216 44.84 3.39 -3.24
CA ASP A 216 45.09 1.96 -3.25
C ASP A 216 45.94 1.61 -2.04
N TYR A 217 45.31 1.01 -1.03
CA TYR A 217 46.00 0.65 0.21
C TYR A 217 46.30 -0.82 0.29
N ARG A 218 46.21 -1.54 -0.82
CA ARG A 218 46.62 -2.95 -0.83
C ARG A 218 48.13 -3.03 -0.71
N ASN A 219 48.60 -3.81 0.26
CA ASN A 219 50.04 -4.06 0.36
C ASN A 219 50.41 -5.24 -0.52
N GLU A 220 51.69 -5.62 -0.53
CA GLU A 220 52.15 -6.67 -1.42
C GLU A 220 51.63 -8.06 -1.01
N GLN A 221 51.07 -8.16 0.20
CA GLN A 221 50.41 -9.39 0.66
C GLN A 221 48.97 -9.47 0.14
N GLY A 222 48.51 -8.46 -0.58
CA GLY A 222 47.10 -8.37 -0.99
C GLY A 222 46.17 -8.09 0.18
N ARG A 223 46.72 -7.54 1.26
CA ARG A 223 45.94 -7.18 2.44
C ARG A 223 45.83 -5.67 2.49
N VAL A 224 44.82 -5.17 3.17
CA VAL A 224 44.62 -3.73 3.30
C VAL A 224 44.79 -3.38 4.77
N LEU A 225 46.01 -2.99 5.11
CA LEU A 225 46.42 -2.83 6.49
C LEU A 225 46.76 -1.38 6.85
N SER A 226 46.37 -0.47 5.97
CA SER A 226 46.60 0.97 6.19
C SER A 226 45.51 1.75 5.48
N GLY A 227 45.47 3.05 5.75
CA GLY A 227 44.47 3.92 5.13
C GLY A 227 43.20 4.03 5.94
N PRO A 228 42.33 4.99 5.57
CA PRO A 228 41.04 5.15 6.24
C PRO A 228 40.17 3.90 6.15
N GLU A 229 39.28 3.75 7.12
CA GLU A 229 38.28 2.70 7.10
C GLU A 229 36.95 3.35 7.41
N TYR A 230 35.89 2.95 6.73
CA TYR A 230 34.59 3.59 6.90
C TYR A 230 33.49 2.61 7.26
N LEU A 231 32.43 3.16 7.82
CA LEU A 231 31.17 2.44 8.05
C LEU A 231 30.11 3.19 7.25
N THR A 232 29.41 2.47 6.36
CA THR A 232 28.38 3.08 5.54
C THR A 232 27.03 2.41 5.75
N VAL A 233 25.99 3.25 5.80
CA VAL A 233 24.62 2.79 5.70
C VAL A 233 24.14 3.14 4.30
N PHE A 234 23.68 2.12 3.56
CA PHE A 234 23.18 2.27 2.20
C PHE A 234 21.67 2.13 2.19
N GLN A 235 21.01 2.89 1.34
CA GLN A 235 19.57 2.79 1.15
C GLN A 235 19.23 1.43 0.56
N GLY A 236 18.28 0.73 1.16
CA GLY A 236 17.96 -0.62 0.72
C GLY A 236 17.43 -0.75 -0.69
N SER A 237 16.64 0.24 -1.12
CA SER A 237 15.96 0.16 -2.41
C SER A 237 16.87 0.46 -3.59
N THR A 238 17.94 1.23 -3.36
CA THR A 238 18.78 1.79 -4.42
C THR A 238 20.27 1.49 -4.25
N GLY A 239 20.68 1.11 -3.05
CA GLY A 239 22.10 0.91 -2.77
C GLY A 239 22.86 2.22 -2.67
N LYS A 240 22.14 3.34 -2.61
CA LYS A 240 22.76 4.66 -2.52
C LYS A 240 23.34 4.88 -1.12
N GLU A 241 24.53 5.46 -1.07
CA GLU A 241 25.13 5.85 0.21
C GLU A 241 24.22 6.85 0.93
N LEU A 242 23.85 6.55 2.17
CA LEU A 242 23.08 7.48 3.00
C LEU A 242 23.99 8.27 3.93
N VAL A 243 24.86 7.57 4.65
CA VAL A 243 25.82 8.18 5.56
C VAL A 243 27.04 7.29 5.65
N THR A 244 28.21 7.91 5.70
CA THR A 244 29.48 7.23 5.91
C THR A 244 30.25 7.93 7.01
N ALA A 245 30.74 7.14 7.97
CA ALA A 245 31.56 7.66 9.07
C ALA A 245 32.86 6.88 9.12
N ASN A 246 33.85 7.36 9.86
CA ASN A 246 35.04 6.54 10.12
C ASN A 246 34.63 5.28 10.87
N PHE A 247 35.18 4.16 10.47
CA PHE A 247 34.85 2.87 11.07
C PHE A 247 35.46 2.73 12.46
N GLU A 248 34.63 2.31 13.41
CA GLU A 248 35.13 1.84 14.69
C GLU A 248 34.54 0.47 14.95
N PRO A 249 35.33 -0.45 15.52
CA PRO A 249 36.69 -0.28 16.04
C PRO A 249 37.76 0.07 15.00
N ALA A 250 38.49 1.15 15.27
CA ALA A 250 39.55 1.61 14.38
C ALA A 250 40.72 0.65 14.42
N ARG A 251 41.51 0.63 13.35
CA ARG A 251 42.62 -0.30 13.23
C ARG A 251 43.72 -0.07 14.27
N GLY A 252 44.10 1.18 14.48
CA GLY A 252 45.31 1.47 15.24
C GLY A 252 46.50 0.78 14.57
N ASN A 253 47.35 0.16 15.37
CA ASN A 253 48.47 -0.62 14.83
C ASN A 253 48.04 -2.06 14.62
N VAL A 254 48.40 -2.61 13.47
CA VAL A 254 48.13 -4.02 13.19
C VAL A 254 48.56 -4.90 14.38
N SER A 255 49.76 -4.64 14.91
CA SER A 255 50.31 -5.44 15.99
C SER A 255 49.53 -5.37 17.31
N ASP A 256 48.68 -4.36 17.46
CA ASP A 256 47.82 -4.23 18.66
C ASP A 256 46.95 -5.47 18.84
N TRP A 257 46.66 -6.15 17.72
CA TRP A 257 45.67 -7.21 17.71
C TRP A 257 46.24 -8.60 17.94
N GLY A 258 47.56 -8.71 17.95
CA GLY A 258 48.20 -9.98 18.32
C GLY A 258 49.11 -10.61 17.28
N ASP A 259 49.19 -10.03 16.09
CA ASP A 259 50.20 -10.43 15.10
C ASP A 259 50.54 -9.23 14.23
N SER A 260 51.63 -9.34 13.46
CA SER A 260 52.05 -8.23 12.60
C SER A 260 51.84 -8.51 11.11
N TYR A 261 51.40 -9.71 10.77
CA TYR A 261 51.19 -10.08 9.37
C TYR A 261 49.79 -9.79 8.85
N GLY A 262 48.87 -9.41 9.73
CA GLY A 262 47.55 -8.92 9.34
C GLY A 262 46.40 -9.90 9.48
N ASN A 263 46.51 -10.85 10.40
CA ASN A 263 45.45 -11.85 10.58
C ASN A 263 44.41 -11.36 11.60
N ARG A 264 44.86 -11.21 12.84
CA ARG A 264 43.95 -10.94 13.96
C ARG A 264 43.25 -9.59 13.85
N VAL A 265 43.93 -8.61 13.28
CA VAL A 265 43.39 -7.26 13.11
C VAL A 265 42.10 -7.25 12.28
N ASP A 266 41.96 -8.20 11.36
CA ASP A 266 40.88 -8.17 10.40
C ASP A 266 39.85 -9.27 10.65
N ARG A 267 39.61 -9.56 11.93
CA ARG A 267 38.61 -10.54 12.32
C ARG A 267 37.34 -9.82 12.72
N PHE A 268 36.40 -9.73 11.80
CA PHE A 268 35.19 -8.93 12.00
C PHE A 268 33.96 -9.78 12.25
N LEU A 269 33.07 -9.25 13.09
CA LEU A 269 31.69 -9.74 13.22
C LEU A 269 30.77 -8.53 13.24
N ALA A 270 29.47 -8.78 13.17
CA ALA A 270 28.50 -7.69 13.20
C ALA A 270 27.17 -8.25 13.61
N GLY A 271 26.27 -7.39 14.05
CA GLY A 271 24.95 -7.81 14.44
C GLY A 271 23.96 -6.67 14.53
N ILE A 272 22.68 -7.05 14.62
CA ILE A 272 21.61 -6.14 15.01
C ILE A 272 21.16 -6.54 16.41
N ALA A 273 21.05 -5.56 17.30
CA ALA A 273 20.66 -5.79 18.70
C ALA A 273 19.74 -4.67 19.17
N TYR A 274 18.67 -5.03 19.88
CA TYR A 274 17.76 -4.04 20.44
C TYR A 274 18.27 -3.63 21.83
N LEU A 275 19.31 -2.81 21.83
CA LEU A 275 19.98 -2.40 23.06
C LEU A 275 19.10 -1.57 23.97
N ASP A 276 18.16 -0.84 23.38
CA ASP A 276 17.21 -0.03 24.17
C ASP A 276 15.89 -0.76 24.45
N GLY A 277 15.77 -2.00 23.98
CA GLY A 277 14.60 -2.84 24.23
C GLY A 277 13.41 -2.57 23.33
N GLN A 278 13.54 -1.62 22.41
CA GLN A 278 12.41 -1.24 21.55
C GLN A 278 12.78 -1.18 20.08
N ARG A 279 13.96 -0.62 19.80
CA ARG A 279 14.39 -0.37 18.43
C ARG A 279 15.78 -0.95 18.17
N PRO A 280 16.07 -1.28 16.90
CA PRO A 280 17.36 -1.91 16.58
C PRO A 280 18.54 -0.96 16.65
N SER A 281 19.69 -1.52 17.03
CA SER A 281 20.99 -0.88 16.93
C SER A 281 21.92 -1.78 16.14
N LEU A 282 23.01 -1.20 15.65
CA LEU A 282 23.98 -1.91 14.82
C LEU A 282 25.24 -2.17 15.65
N ILE A 283 25.72 -3.40 15.64
CA ILE A 283 26.95 -3.77 16.35
C ILE A 283 28.04 -4.10 15.32
N MET A 284 29.21 -3.47 15.44
CA MET A 284 30.38 -3.83 14.66
C MET A 284 31.46 -4.26 15.65
N THR A 285 32.08 -5.41 15.39
CA THR A 285 33.15 -5.91 16.24
C THR A 285 34.44 -6.15 15.48
N ARG A 286 35.54 -6.18 16.21
CA ARG A 286 36.85 -6.39 15.60
C ARG A 286 37.71 -7.11 16.60
N GLY A 287 38.35 -8.17 16.13
CA GLY A 287 39.21 -9.00 16.97
C GLY A 287 38.45 -10.07 17.74
N TYR A 288 39.15 -11.17 18.02
CA TYR A 288 38.69 -12.12 19.02
C TYR A 288 39.76 -13.01 19.60
N TYR A 289 40.83 -13.27 18.86
CA TYR A 289 41.89 -14.14 19.39
C TYR A 289 42.63 -13.52 20.56
N ALA A 290 42.83 -12.19 20.50
CA ALA A 290 43.47 -11.46 21.58
C ALA A 290 42.65 -10.19 21.78
N LYS A 291 43.23 -9.01 21.52
CA LYS A 291 42.47 -7.77 21.65
C LYS A 291 41.12 -7.86 20.93
N THR A 292 40.07 -7.41 21.62
CA THR A 292 38.71 -7.51 21.15
C THR A 292 38.00 -6.19 21.41
N MET A 293 37.30 -5.69 20.39
CA MET A 293 36.50 -4.47 20.54
C MET A 293 35.12 -4.66 19.94
N LEU A 294 34.13 -4.03 20.57
CA LEU A 294 32.76 -4.00 20.06
C LEU A 294 32.28 -2.57 20.14
N VAL A 295 31.63 -2.09 19.07
CA VAL A 295 31.05 -0.75 19.05
C VAL A 295 29.60 -0.85 18.61
N ALA A 296 28.75 -0.08 19.27
CA ALA A 296 27.33 -0.01 18.95
C ALA A 296 26.99 1.34 18.35
N TYR A 297 26.10 1.31 17.35
CA TYR A 297 25.63 2.49 16.65
C TYR A 297 24.12 2.48 16.52
N ASN A 298 23.53 3.68 16.41
CA ASN A 298 22.18 3.83 15.92
C ASN A 298 22.18 4.52 14.57
N PHE A 299 21.21 4.16 13.72
CA PHE A 299 20.92 4.95 12.53
C PHE A 299 19.45 5.33 12.61
N ARG A 300 19.21 6.59 12.98
CA ARG A 300 17.87 7.09 13.24
C ARG A 300 17.84 8.56 12.88
N ASP A 301 16.69 9.02 12.41
CA ASP A 301 16.50 10.44 12.07
C ASP A 301 17.58 10.94 11.09
N GLY A 302 17.96 10.06 10.16
CA GLY A 302 18.96 10.38 9.15
C GLY A 302 20.39 10.47 9.63
N LYS A 303 20.65 10.14 10.88
CA LYS A 303 22.01 10.24 11.42
C LYS A 303 22.56 8.93 11.99
N LEU A 304 23.85 8.71 11.79
CA LEU A 304 24.57 7.62 12.41
C LEU A 304 25.21 8.14 13.69
N SER A 305 24.94 7.47 14.81
CA SER A 305 25.50 7.86 16.10
C SER A 305 26.14 6.67 16.81
N LYS A 306 27.27 6.93 17.47
CA LYS A 306 27.93 5.89 18.26
C LYS A 306 27.38 5.87 19.68
N LEU A 307 27.08 4.68 20.19
CA LEU A 307 26.44 4.52 21.49
C LEU A 307 27.40 4.14 22.59
N TRP A 308 28.28 3.18 22.30
CA TRP A 308 29.27 2.72 23.27
C TRP A 308 30.37 1.92 22.60
N THR A 309 31.44 1.71 23.36
CA THR A 309 32.59 0.89 22.95
C THR A 309 32.97 -0.03 24.11
N LEU A 310 33.20 -1.30 23.81
CA LEU A 310 33.90 -2.20 24.74
C LEU A 310 35.26 -2.51 24.13
N ASP A 311 36.32 -2.28 24.90
CA ASP A 311 37.68 -2.45 24.42
C ASP A 311 38.45 -3.27 25.46
N SER A 312 38.84 -4.49 25.10
CA SER A 312 39.52 -5.38 26.04
C SER A 312 40.87 -4.83 26.50
N SER A 313 41.45 -3.90 25.74
CA SER A 313 42.77 -3.35 26.04
C SER A 313 42.72 -2.26 27.11
N LYS A 314 41.52 -1.83 27.46
CA LYS A 314 41.30 -0.89 28.57
C LYS A 314 41.41 -1.61 29.91
N SER A 315 42.05 -0.95 30.87
CA SER A 315 42.19 -1.50 32.22
C SER A 315 40.85 -1.92 32.81
N GLY A 316 40.78 -3.16 33.27
CA GLY A 316 39.55 -3.73 33.82
C GLY A 316 38.84 -4.66 32.85
N ASN A 317 39.20 -4.60 31.58
CA ASN A 317 38.52 -5.37 30.54
C ASN A 317 39.32 -6.55 29.98
N GLU A 318 40.44 -6.87 30.64
CA GLU A 318 41.38 -7.90 30.17
C GLU A 318 40.73 -9.27 29.95
N ALA A 319 39.71 -9.60 30.75
CA ALA A 319 39.04 -10.90 30.65
C ALA A 319 38.26 -11.06 29.35
N PHE A 320 38.00 -9.94 28.66
CA PHE A 320 37.17 -9.94 27.45
C PHE A 320 38.00 -10.03 26.17
N ALA A 321 39.27 -10.38 26.32
CA ALA A 321 40.14 -10.70 25.20
C ALA A 321 40.19 -12.20 25.02
N GLY A 322 40.37 -12.67 23.78
CA GLY A 322 40.63 -14.08 23.53
C GLY A 322 39.45 -15.03 23.62
N GLN A 323 38.23 -14.49 23.64
CA GLN A 323 37.04 -15.30 23.94
C GLN A 323 36.09 -15.50 22.77
N GLY A 324 36.18 -14.64 21.74
CA GLY A 324 35.19 -14.65 20.68
C GLY A 324 35.30 -15.82 19.70
N ASN A 325 34.17 -16.13 19.09
CA ASN A 325 34.06 -17.14 18.05
C ASN A 325 34.10 -16.48 16.66
N HIS A 326 34.13 -17.30 15.62
CA HIS A 326 33.84 -16.81 14.25
C HIS A 326 32.34 -16.59 14.05
N ASN A 327 31.64 -16.20 15.10
CA ASN A 327 30.19 -16.02 15.08
C ASN A 327 29.79 -15.43 16.43
N LEU A 328 28.56 -14.96 16.52
CA LEU A 328 28.01 -14.42 17.76
C LEU A 328 26.50 -14.69 17.78
N SER A 329 25.87 -14.47 18.92
CA SER A 329 24.42 -14.49 19.03
C SER A 329 23.96 -13.23 19.73
N ILE A 330 22.68 -12.91 19.58
CA ILE A 330 22.08 -11.73 20.20
C ILE A 330 20.75 -12.15 20.80
N ALA A 331 20.55 -11.85 22.08
CA ALA A 331 19.33 -12.24 22.76
C ALA A 331 19.19 -11.47 24.05
N ASP A 332 17.95 -11.30 24.49
CA ASP A 332 17.69 -10.78 25.83
C ASP A 332 17.85 -11.96 26.79
N VAL A 333 18.99 -12.02 27.45
CA VAL A 333 19.31 -13.15 28.31
C VAL A 333 18.96 -12.90 29.78
N ASP A 334 18.88 -11.62 30.17
CA ASP A 334 18.69 -11.27 31.57
C ASP A 334 17.28 -10.79 31.91
N GLY A 335 16.40 -10.78 30.92
CA GLY A 335 14.98 -10.50 31.11
C GLY A 335 14.56 -9.05 31.20
N ASP A 336 15.46 -8.12 30.89
CA ASP A 336 15.15 -6.69 30.97
C ASP A 336 14.54 -6.11 29.68
N GLY A 337 14.30 -6.97 28.68
CA GLY A 337 13.73 -6.56 27.39
C GLY A 337 14.75 -6.10 26.37
N LYS A 338 15.97 -5.86 26.86
CA LYS A 338 17.06 -5.32 26.06
C LYS A 338 18.00 -6.45 25.66
N ASP A 339 18.55 -6.37 24.45
CA ASP A 339 19.43 -7.43 23.95
C ASP A 339 20.85 -7.34 24.48
N GLU A 340 21.37 -8.51 24.83
CA GLU A 340 22.77 -8.70 25.14
C GLU A 340 23.44 -9.42 23.98
N ILE A 341 24.76 -9.46 24.00
CA ILE A 341 25.56 -10.04 22.92
C ILE A 341 26.32 -11.25 23.47
N ILE A 342 26.10 -12.41 22.87
CA ILE A 342 26.84 -13.61 23.22
C ILE A 342 28.02 -13.70 22.25
N PHE A 343 29.20 -13.36 22.75
CA PHE A 343 30.39 -13.22 21.93
C PHE A 343 31.31 -14.40 22.24
N GLY A 344 30.96 -15.57 21.72
CA GLY A 344 31.73 -16.78 22.00
C GLY A 344 31.64 -17.12 23.49
N SER A 345 32.80 -17.12 24.15
CA SER A 345 32.88 -17.49 25.56
C SER A 345 32.60 -16.34 26.51
N MET A 346 32.34 -15.16 25.96
CA MET A 346 32.01 -14.01 26.81
C MET A 346 30.67 -13.41 26.42
N ALA A 347 30.16 -12.51 27.24
CA ALA A 347 28.91 -11.82 26.94
C ALA A 347 29.06 -10.36 27.29
N VAL A 348 28.37 -9.52 26.52
CA VAL A 348 28.41 -8.08 26.65
C VAL A 348 26.99 -7.59 26.86
N ASP A 349 26.82 -6.71 27.85
CA ASP A 349 25.51 -6.18 28.21
C ASP A 349 25.02 -5.15 27.19
N HIS A 350 23.75 -4.78 27.32
CA HIS A 350 23.11 -3.87 26.37
C HIS A 350 23.74 -2.48 26.35
N ASP A 351 24.47 -2.14 27.42
CA ASP A 351 25.15 -0.86 27.55
C ASP A 351 26.65 -0.94 27.24
N GLY A 352 27.09 -2.09 26.72
CA GLY A 352 28.48 -2.26 26.33
C GLY A 352 29.42 -2.75 27.41
N LYS A 353 28.88 -3.00 28.60
CA LYS A 353 29.71 -3.49 29.69
C LYS A 353 29.90 -5.00 29.58
N GLY A 354 31.14 -5.45 29.78
CA GLY A 354 31.40 -6.89 29.82
C GLY A 354 30.63 -7.51 30.96
N MET A 355 29.94 -8.62 30.69
CA MET A 355 29.15 -9.33 31.71
C MET A 355 29.92 -10.46 32.40
N TYR A 356 30.49 -11.35 31.59
CA TYR A 356 31.25 -12.48 32.08
C TYR A 356 32.12 -13.02 30.97
N SER A 357 33.11 -13.82 31.36
CA SER A 357 33.85 -14.66 30.43
C SER A 357 33.99 -16.03 31.07
N THR A 358 33.72 -17.10 30.30
CA THR A 358 33.92 -18.45 30.83
C THR A 358 35.41 -18.81 30.83
N GLY A 359 36.22 -18.01 30.13
CA GLY A 359 37.65 -18.27 30.02
C GLY A 359 38.01 -19.43 29.10
N LEU A 360 37.02 -20.01 28.43
CA LEU A 360 37.24 -21.20 27.60
C LEU A 360 37.79 -20.88 26.22
N GLY A 361 37.79 -19.59 25.87
CA GLY A 361 38.43 -19.13 24.66
C GLY A 361 37.64 -19.37 23.38
N HIS A 362 38.33 -19.11 22.28
CA HIS A 362 37.77 -19.10 20.94
C HIS A 362 37.20 -20.44 20.50
N GLY A 363 36.09 -20.39 19.77
CA GLY A 363 35.58 -21.57 19.08
C GLY A 363 34.88 -21.25 17.77
N ASP A 364 34.37 -22.30 17.13
CA ASP A 364 33.90 -22.19 15.75
C ASP A 364 32.40 -22.32 15.56
N ALA A 365 31.68 -22.74 16.59
CA ALA A 365 30.24 -22.87 16.50
C ALA A 365 29.61 -22.45 17.82
N LEU A 366 28.36 -22.02 17.77
CA LEU A 366 27.70 -21.35 18.89
C LEU A 366 26.20 -21.42 18.71
N HIS A 367 25.49 -21.76 19.79
CA HIS A 367 24.04 -21.88 19.77
C HIS A 367 23.44 -21.25 21.02
N THR A 368 22.64 -20.20 20.83
CA THR A 368 21.98 -19.51 21.93
C THR A 368 20.47 -19.60 21.72
N GLY A 369 19.78 -20.24 22.66
CA GLY A 369 18.33 -20.38 22.56
C GLY A 369 17.81 -20.96 23.86
N ASP A 370 16.55 -21.40 23.84
CA ASP A 370 16.04 -22.09 25.00
C ASP A 370 16.31 -23.57 24.78
N LEU A 371 17.50 -23.98 25.21
CA LEU A 371 17.99 -25.33 24.96
C LEU A 371 17.46 -26.29 26.02
N ASP A 372 17.40 -25.80 27.26
CA ASP A 372 16.83 -26.54 28.36
C ASP A 372 15.58 -25.82 28.84
N PRO A 373 14.39 -26.24 28.36
CA PRO A 373 13.16 -25.55 28.71
C PRO A 373 12.73 -25.77 30.18
N GLY A 374 13.37 -26.71 30.87
CA GLY A 374 13.11 -26.93 32.30
C GLY A 374 13.90 -26.00 33.21
N ARG A 375 14.85 -25.29 32.64
CA ARG A 375 15.69 -24.38 33.40
C ARG A 375 15.39 -22.95 32.94
N PRO A 376 14.87 -22.09 33.85
CA PRO A 376 14.55 -20.72 33.44
C PRO A 376 15.74 -19.98 32.84
N GLY A 377 15.47 -19.26 31.76
CA GLY A 377 16.51 -18.50 31.04
C GLY A 377 16.92 -19.18 29.75
N LEU A 378 17.83 -18.54 29.03
CA LEU A 378 18.40 -19.13 27.83
C LEU A 378 19.70 -19.83 28.17
N GLU A 379 20.13 -20.68 27.26
CA GLU A 379 21.36 -21.45 27.42
C GLU A 379 22.21 -21.26 26.17
N VAL A 380 23.53 -21.41 26.34
CA VAL A 380 24.46 -21.30 25.24
C VAL A 380 25.28 -22.59 25.15
N PHE A 381 25.22 -23.24 24.00
CA PHE A 381 26.08 -24.37 23.72
C PHE A 381 27.17 -23.92 22.77
N GLN A 382 28.40 -24.25 23.11
CA GLN A 382 29.57 -23.75 22.39
C GLN A 382 30.62 -24.82 22.33
N VAL A 383 31.39 -24.82 21.25
CA VAL A 383 32.58 -25.66 21.14
C VAL A 383 33.83 -24.79 21.14
N HIS A 384 34.97 -25.43 21.40
CA HIS A 384 36.20 -24.72 21.70
C HIS A 384 37.37 -25.29 20.93
N GLU A 385 38.25 -24.40 20.46
CA GLU A 385 39.34 -24.73 19.55
C GLU A 385 40.63 -25.10 20.27
N ASP A 386 40.84 -24.52 21.45
CA ASP A 386 42.07 -24.76 22.23
C ASP A 386 42.06 -26.20 22.75
N LYS A 387 43.04 -27.00 22.30
CA LYS A 387 43.16 -28.39 22.73
C LYS A 387 43.41 -28.55 24.24
N ASN A 388 43.85 -27.46 24.87
CA ASN A 388 44.11 -27.47 26.32
C ASN A 388 42.99 -26.84 27.14
N ALA A 389 41.90 -26.46 26.48
CA ALA A 389 40.73 -25.94 27.18
C ALA A 389 40.17 -26.99 28.13
N LYS A 390 39.70 -26.52 29.28
CA LYS A 390 39.03 -27.35 30.28
C LYS A 390 37.88 -28.16 29.68
N TYR A 391 37.15 -27.53 28.75
CA TYR A 391 36.09 -28.19 28.00
C TYR A 391 36.25 -27.94 26.51
N GLY A 392 36.00 -28.98 25.71
CA GLY A 392 35.88 -28.82 24.26
C GLY A 392 34.47 -28.45 23.84
N LEU A 393 33.52 -28.70 24.72
CA LEU A 393 32.13 -28.30 24.51
C LEU A 393 31.58 -27.86 25.85
N SER A 394 30.88 -26.74 25.85
CA SER A 394 30.38 -26.15 27.09
C SER A 394 28.92 -25.79 26.92
N PHE A 395 28.16 -25.98 27.97
CA PHE A 395 26.73 -25.72 27.99
C PHE A 395 26.47 -24.86 29.22
N ARG A 396 26.06 -23.61 29.00
CA ARG A 396 26.06 -22.63 30.08
C ARG A 396 24.78 -21.82 30.19
N ASP A 397 24.61 -21.22 31.38
CA ASP A 397 23.58 -20.23 31.62
C ASP A 397 23.94 -18.99 30.77
N ALA A 398 23.05 -18.60 29.87
CA ALA A 398 23.36 -17.49 28.95
C ALA A 398 23.61 -16.16 29.66
N ALA A 399 22.89 -15.94 30.76
CA ALA A 399 22.93 -14.67 31.48
C ALA A 399 24.11 -14.55 32.45
N THR A 400 24.42 -15.63 33.16
CA THR A 400 25.43 -15.57 34.21
C THR A 400 26.77 -16.14 33.76
N GLY A 401 26.73 -16.97 32.71
CA GLY A 401 27.94 -17.63 32.23
C GLY A 401 28.32 -18.89 33.00
N LYS A 402 27.54 -19.22 34.03
CA LYS A 402 27.81 -20.41 34.83
C LYS A 402 27.77 -21.64 33.93
N ILE A 403 28.81 -22.45 33.99
CA ILE A 403 28.82 -23.70 33.25
C ILE A 403 27.87 -24.70 33.92
N LEU A 404 26.87 -25.13 33.17
CA LEU A 404 25.92 -26.13 33.66
C LEU A 404 26.53 -27.52 33.51
N TRP A 405 27.16 -27.76 32.37
CA TRP A 405 27.97 -28.95 32.16
C TRP A 405 28.91 -28.70 31.00
N GLY A 406 30.00 -29.48 30.96
CA GLY A 406 30.97 -29.41 29.89
C GLY A 406 31.70 -30.72 29.79
N VAL A 407 32.34 -30.95 28.65
CA VAL A 407 33.12 -32.17 28.44
C VAL A 407 34.49 -31.81 27.88
N TYR A 408 35.54 -32.30 28.53
CA TYR A 408 36.90 -32.15 28.06
C TYR A 408 37.11 -32.97 26.79
N ALA A 409 37.75 -32.36 25.80
CA ALA A 409 38.05 -33.05 24.55
C ALA A 409 39.54 -33.33 24.35
N GLY A 410 40.38 -32.39 24.80
CA GLY A 410 41.82 -32.51 24.59
C GLY A 410 42.22 -32.33 23.14
N LYS A 411 41.33 -31.72 22.36
CA LYS A 411 41.58 -31.44 20.95
C LYS A 411 40.66 -30.31 20.50
N ASP A 412 40.97 -29.74 19.35
CA ASP A 412 40.11 -28.78 18.66
C ASP A 412 38.77 -29.44 18.36
N VAL A 413 37.69 -28.88 18.88
CA VAL A 413 36.34 -29.34 18.53
C VAL A 413 35.75 -28.27 17.62
N GLY A 414 35.74 -28.55 16.32
CA GLY A 414 35.44 -27.52 15.33
C GLY A 414 33.97 -27.30 15.01
N ARG A 415 33.12 -28.24 15.42
CA ARG A 415 31.69 -28.17 15.11
C ARG A 415 30.88 -28.58 16.34
N GLY A 416 29.72 -27.95 16.49
CA GLY A 416 28.74 -28.36 17.49
C GLY A 416 27.37 -27.94 17.05
N MET A 417 26.36 -28.74 17.40
CA MET A 417 24.99 -28.45 17.03
C MET A 417 24.05 -28.51 18.22
N ALA A 418 22.94 -27.80 18.12
CA ALA A 418 21.88 -27.86 19.11
C ALA A 418 20.56 -27.93 18.36
N ALA A 419 19.75 -28.93 18.69
CA ALA A 419 18.43 -29.13 18.08
C ALA A 419 17.67 -30.21 18.84
N ASP A 420 16.36 -30.03 18.94
CA ASP A 420 15.51 -31.08 19.49
C ASP A 420 15.34 -32.16 18.44
N ILE A 421 16.11 -33.24 18.57
CA ILE A 421 16.07 -34.35 17.62
C ILE A 421 15.57 -35.64 18.25
N ASP A 422 15.44 -35.66 19.57
CA ASP A 422 15.08 -36.87 20.30
C ASP A 422 14.00 -36.50 21.31
N PRO A 423 12.77 -36.97 21.11
CA PRO A 423 11.68 -36.57 22.01
C PRO A 423 11.70 -37.29 23.37
N ARG A 424 12.61 -38.25 23.52
CA ARG A 424 12.71 -38.99 24.78
C ARG A 424 13.45 -38.18 25.85
N TYR A 425 14.14 -37.13 25.42
CA TYR A 425 14.82 -36.24 26.34
C TYR A 425 14.25 -34.84 26.16
N PRO A 426 13.62 -34.28 27.19
CA PRO A 426 13.04 -32.95 27.04
C PRO A 426 14.09 -31.93 26.60
N GLY A 427 13.68 -31.00 25.75
CA GLY A 427 14.56 -29.94 25.34
C GLY A 427 15.40 -30.28 24.12
N GLN A 428 16.34 -29.39 23.82
CA GLN A 428 17.21 -29.56 22.68
C GLN A 428 18.41 -30.42 23.05
N GLU A 429 18.66 -31.42 22.21
CA GLU A 429 19.90 -32.17 22.29
C GLU A 429 21.04 -31.34 21.73
N VAL A 430 22.26 -31.70 22.10
CA VAL A 430 23.45 -31.05 21.55
C VAL A 430 24.44 -32.13 21.17
N TRP A 431 25.25 -31.86 20.15
CA TRP A 431 26.28 -32.81 19.77
C TRP A 431 27.53 -32.15 19.27
N ALA A 432 28.66 -32.81 19.54
CA ALA A 432 29.98 -32.34 19.16
C ALA A 432 30.98 -33.43 19.49
N ASN A 433 32.09 -33.44 18.76
CA ASN A 433 33.20 -34.37 19.00
C ASN A 433 32.74 -35.83 19.04
N GLY A 434 31.74 -36.16 18.23
CA GLY A 434 31.32 -37.55 18.05
C GLY A 434 30.35 -38.11 19.08
N SER A 435 29.86 -37.27 19.99
CA SER A 435 28.86 -37.68 20.97
C SER A 435 27.63 -36.77 20.97
N LEU A 436 26.49 -37.39 21.24
CA LEU A 436 25.19 -36.72 21.34
C LEU A 436 24.78 -36.67 22.81
N TYR A 437 24.28 -35.53 23.26
CA TYR A 437 23.90 -35.34 24.66
C TYR A 437 22.53 -34.73 24.80
N SER A 438 21.87 -35.02 25.92
CA SER A 438 20.67 -34.29 26.28
C SER A 438 21.07 -32.89 26.75
N ALA A 439 20.07 -32.03 26.91
CA ALA A 439 20.29 -30.68 27.43
C ALA A 439 20.91 -30.68 28.84
N LYS A 440 20.78 -31.82 29.53
CA LYS A 440 21.35 -31.98 30.87
C LYS A 440 22.77 -32.56 30.84
N GLY A 441 23.29 -32.85 29.65
CA GLY A 441 24.63 -33.39 29.52
C GLY A 441 24.75 -34.90 29.62
N VAL A 442 23.62 -35.60 29.51
CA VAL A 442 23.60 -37.06 29.52
C VAL A 442 23.86 -37.59 28.11
N LYS A 443 24.90 -38.40 27.93
CA LYS A 443 25.22 -38.95 26.62
C LYS A 443 24.12 -39.90 26.17
N ILE A 444 23.66 -39.70 24.94
CA ILE A 444 22.58 -40.51 24.37
C ILE A 444 23.17 -41.47 23.34
N GLY A 445 23.06 -42.77 23.62
CA GLY A 445 23.56 -43.81 22.71
C GLY A 445 25.04 -43.65 22.41
N SER A 446 25.44 -44.02 21.20
CA SER A 446 26.85 -43.98 20.81
C SER A 446 27.12 -43.20 19.52
N GLY A 447 26.07 -42.91 18.76
CA GLY A 447 26.24 -42.17 17.51
C GLY A 447 26.00 -40.67 17.62
N VAL A 448 26.23 -39.98 16.50
CA VAL A 448 25.77 -38.60 16.31
C VAL A 448 25.13 -38.51 14.94
N PRO A 449 24.28 -37.49 14.74
CA PRO A 449 23.81 -37.19 13.39
C PRO A 449 24.95 -37.04 12.38
N SER A 450 24.66 -37.33 11.12
CA SER A 450 25.68 -37.34 10.08
C SER A 450 26.20 -35.95 9.67
N SER A 451 25.60 -34.91 10.22
CA SER A 451 26.09 -33.54 10.02
C SER A 451 26.12 -32.81 11.35
N THR A 452 26.98 -31.81 11.42
CA THR A 452 27.07 -30.92 12.58
C THR A 452 27.24 -29.50 12.05
N ASN A 453 26.17 -29.02 11.42
CA ASN A 453 26.20 -27.76 10.68
C ASN A 453 24.97 -26.92 11.03
N PHE A 454 23.86 -27.11 10.32
CA PHE A 454 22.64 -26.37 10.59
C PHE A 454 21.56 -27.32 11.10
N GLY A 455 20.63 -26.76 11.87
CA GLY A 455 19.34 -27.38 12.15
C GLY A 455 18.30 -26.59 11.40
N ILE A 456 17.28 -27.29 10.88
CA ILE A 456 16.21 -26.67 10.11
C ILE A 456 14.86 -27.30 10.44
N TRP A 457 13.82 -26.48 10.59
CA TRP A 457 12.45 -27.00 10.69
C TRP A 457 11.91 -27.18 9.29
N TRP A 458 11.82 -28.44 8.86
CA TRP A 458 11.46 -28.76 7.47
C TRP A 458 10.22 -29.61 7.31
N ASP A 459 10.09 -30.67 8.10
CA ASP A 459 8.92 -31.52 8.00
C ASP A 459 7.80 -31.01 8.89
N GLY A 460 6.80 -31.86 9.13
CA GLY A 460 5.62 -31.42 9.87
C GLY A 460 5.69 -31.52 11.37
N ASP A 461 6.71 -32.19 11.91
CA ASP A 461 6.78 -32.37 13.35
C ASP A 461 7.61 -31.26 14.03
N LEU A 462 7.48 -31.16 15.34
CA LEU A 462 8.12 -30.10 16.11
C LEU A 462 9.60 -30.38 16.40
N LEU A 463 10.08 -31.57 16.07
CA LEU A 463 11.52 -31.84 16.14
C LEU A 463 12.21 -31.05 15.03
N ARG A 464 13.51 -30.80 15.17
CA ARG A 464 14.24 -30.08 14.16
C ARG A 464 15.06 -31.04 13.32
N GLU A 465 15.04 -30.81 12.02
CA GLU A 465 15.81 -31.60 11.06
C GLU A 465 17.21 -31.00 10.92
N GLN A 466 18.05 -31.63 10.10
CA GLN A 466 19.43 -31.18 9.94
C GLN A 466 19.68 -30.75 8.50
N LEU A 467 20.51 -29.73 8.32
CA LEU A 467 20.89 -29.29 6.97
C LEU A 467 22.41 -29.22 6.86
N ASP A 468 22.92 -29.69 5.74
CA ASP A 468 24.35 -29.64 5.45
C ASP A 468 24.49 -29.78 3.93
N SER A 469 25.42 -29.02 3.35
CA SER A 469 25.61 -29.07 1.90
C SER A 469 24.25 -28.82 1.22
N ASN A 470 23.90 -29.62 0.22
CA ASN A 470 22.59 -29.48 -0.44
C ASN A 470 21.59 -30.51 0.05
N ARG A 471 21.68 -30.85 1.34
CA ARG A 471 20.86 -31.92 1.91
C ARG A 471 20.10 -31.48 3.15
N ILE A 472 18.88 -32.00 3.30
CA ILE A 472 18.16 -31.97 4.56
C ILE A 472 17.98 -33.41 5.02
N ASP A 473 18.41 -33.70 6.25
CA ASP A 473 18.34 -35.02 6.83
C ASP A 473 17.44 -35.02 8.07
N LYS A 474 16.97 -36.20 8.45
CA LYS A 474 16.25 -36.35 9.70
C LYS A 474 16.89 -37.45 10.54
N TRP A 475 17.02 -37.19 11.83
CA TRP A 475 17.58 -38.14 12.78
C TRP A 475 16.54 -39.16 13.22
N ASP A 476 16.85 -40.42 12.97
CA ASP A 476 16.04 -41.54 13.45
C ASP A 476 16.55 -41.81 14.86
N TYR A 477 15.85 -41.27 15.86
CA TYR A 477 16.34 -41.30 17.24
C TYR A 477 16.27 -42.69 17.88
N GLN A 478 15.32 -43.50 17.44
CA GLN A 478 15.18 -44.86 17.97
C GLN A 478 16.34 -45.74 17.53
N ASN A 479 16.75 -45.59 16.27
CA ASN A 479 17.80 -46.41 15.69
C ASN A 479 19.18 -45.74 15.65
N GLY A 480 19.22 -44.44 15.98
CA GLY A 480 20.47 -43.71 16.11
C GLY A 480 21.21 -43.50 14.80
N VAL A 481 20.47 -43.18 13.75
CA VAL A 481 21.05 -42.93 12.43
C VAL A 481 20.33 -41.80 11.71
N SER A 482 21.06 -41.06 10.89
CA SER A 482 20.50 -40.02 10.05
C SER A 482 20.00 -40.60 8.74
N LYS A 483 18.90 -40.05 8.23
CA LYS A 483 18.33 -40.47 6.95
C LYS A 483 18.01 -39.23 6.13
N ASN A 484 18.27 -39.30 4.82
CA ASN A 484 18.06 -38.15 3.96
C ASN A 484 16.58 -37.89 3.68
N MET A 485 16.18 -36.62 3.73
CA MET A 485 14.81 -36.19 3.41
C MET A 485 14.76 -35.45 2.09
N LEU A 486 15.79 -34.66 1.82
CA LEU A 486 15.87 -33.89 0.59
C LEU A 486 17.31 -33.83 0.12
N THR A 487 17.53 -34.09 -1.16
CA THR A 487 18.78 -33.76 -1.81
C THR A 487 18.44 -32.83 -2.95
N ALA A 488 18.94 -31.60 -2.87
CA ALA A 488 18.59 -30.59 -3.86
C ALA A 488 19.52 -30.68 -5.07
N SER A 489 19.20 -31.59 -5.98
CA SER A 489 20.03 -31.82 -7.15
C SER A 489 20.10 -30.57 -8.03
N GLY A 490 21.31 -30.21 -8.43
CA GLY A 490 21.53 -29.00 -9.22
C GLY A 490 21.80 -27.77 -8.36
N ALA A 491 21.61 -27.91 -7.05
CA ALA A 491 21.88 -26.84 -6.09
C ALA A 491 23.18 -27.12 -5.38
N ALA A 492 23.88 -26.07 -4.98
CA ALA A 492 25.16 -26.19 -4.32
C ALA A 492 25.20 -25.33 -3.08
N ALA A 493 25.91 -25.82 -2.08
CA ALA A 493 26.23 -25.05 -0.89
C ALA A 493 27.50 -24.25 -1.11
N ASN A 494 27.85 -23.44 -0.11
CA ASN A 494 28.95 -22.48 -0.23
C ASN A 494 30.01 -22.69 0.85
N ASN A 495 31.12 -21.97 0.69
CA ASN A 495 32.13 -21.84 1.74
C ASN A 495 32.90 -23.12 2.03
N GLY A 496 33.21 -23.86 0.97
CA GLY A 496 34.10 -25.00 1.09
C GLY A 496 33.59 -26.01 2.09
N THR A 497 34.44 -26.36 3.04
CA THR A 497 34.07 -27.39 4.01
C THR A 497 32.92 -26.96 4.92
N LYS A 498 32.68 -25.66 5.02
CA LYS A 498 31.54 -25.19 5.83
C LYS A 498 30.20 -25.60 5.22
N ALA A 499 30.14 -25.70 3.88
CA ALA A 499 28.97 -26.25 3.18
C ALA A 499 27.65 -25.62 3.63
N THR A 500 27.59 -24.30 3.58
CA THR A 500 26.44 -23.55 4.05
C THR A 500 25.51 -23.15 2.91
N PRO A 501 24.20 -23.06 3.19
CA PRO A 501 23.29 -22.56 2.17
C PRO A 501 23.49 -21.06 2.02
N THR A 502 23.13 -20.51 0.86
CA THR A 502 23.11 -19.07 0.71
C THR A 502 22.27 -18.42 1.83
N LEU A 503 21.15 -19.03 2.19
CA LEU A 503 20.37 -18.57 3.34
C LEU A 503 19.40 -19.63 3.77
N GLN A 504 19.21 -19.79 5.08
CA GLN A 504 18.10 -20.56 5.62
C GLN A 504 17.27 -19.62 6.48
N ALA A 505 15.96 -19.51 6.19
CA ALA A 505 15.10 -18.60 6.94
C ALA A 505 13.65 -18.91 6.60
N ASP A 506 12.77 -18.73 7.58
CA ASP A 506 11.34 -18.70 7.29
C ASP A 506 10.99 -17.40 6.59
N LEU A 507 11.08 -17.41 5.26
CA LEU A 507 10.88 -16.18 4.51
C LEU A 507 9.56 -16.10 3.75
N LEU A 508 8.85 -17.22 3.65
CA LEU A 508 7.50 -17.24 3.07
C LEU A 508 6.75 -18.45 3.61
N GLY A 509 5.44 -18.49 3.40
CA GLY A 509 4.64 -19.62 3.83
C GLY A 509 4.53 -19.72 5.34
N ASP A 510 4.26 -20.94 5.81
CA ASP A 510 4.11 -21.17 7.25
C ASP A 510 5.45 -21.27 7.96
N TRP A 511 5.40 -21.70 9.22
CA TRP A 511 6.55 -21.58 10.12
C TRP A 511 7.79 -22.37 9.74
N ARG A 512 7.67 -23.35 8.83
CA ARG A 512 8.87 -24.08 8.44
C ARG A 512 9.84 -23.15 7.70
N GLU A 513 11.14 -23.50 7.74
CA GLU A 513 12.16 -22.66 7.17
C GLU A 513 12.39 -22.99 5.70
N GLU A 514 12.54 -21.94 4.88
CA GLU A 514 12.94 -22.09 3.48
C GLU A 514 14.45 -22.18 3.40
N VAL A 515 14.94 -22.76 2.31
CA VAL A 515 16.36 -22.78 2.02
C VAL A 515 16.62 -22.11 0.69
N VAL A 516 17.60 -21.22 0.66
CA VAL A 516 18.06 -20.61 -0.56
C VAL A 516 19.43 -21.20 -0.88
N TRP A 517 19.53 -21.96 -1.97
CA TRP A 517 20.81 -22.46 -2.47
C TRP A 517 21.05 -21.89 -3.85
N ARG A 518 22.30 -21.58 -4.17
CA ARG A 518 22.65 -21.23 -5.54
C ARG A 518 22.64 -22.48 -6.42
N THR A 519 22.48 -22.29 -7.73
CA THR A 519 22.79 -23.33 -8.69
C THR A 519 24.30 -23.48 -8.77
N GLU A 520 24.77 -24.60 -9.32
CA GLU A 520 26.21 -24.86 -9.42
C GLU A 520 26.96 -23.75 -10.15
N ASP A 521 26.34 -23.20 -11.20
CA ASP A 521 26.97 -22.14 -11.99
C ASP A 521 26.63 -20.72 -11.56
N SER A 522 25.90 -20.59 -10.45
CA SER A 522 25.49 -19.29 -9.90
C SER A 522 24.68 -18.42 -10.87
N SER A 523 23.97 -19.07 -11.80
CA SER A 523 23.06 -18.36 -12.68
C SER A 523 21.75 -17.99 -11.99
N ALA A 524 21.46 -18.67 -10.88
CA ALA A 524 20.23 -18.45 -10.15
C ALA A 524 20.39 -18.83 -8.68
N LEU A 525 19.51 -18.26 -7.85
CA LEU A 525 19.26 -18.80 -6.52
C LEU A 525 17.95 -19.58 -6.56
N ARG A 526 17.89 -20.69 -5.85
CA ARG A 526 16.66 -21.47 -5.74
C ARG A 526 16.15 -21.40 -4.33
N ILE A 527 14.87 -21.04 -4.19
CA ILE A 527 14.24 -20.99 -2.88
C ILE A 527 13.35 -22.23 -2.74
N TYR A 528 13.73 -23.13 -1.83
CA TYR A 528 12.94 -24.33 -1.53
C TYR A 528 12.04 -24.05 -0.35
N THR A 529 10.76 -24.38 -0.48
CA THR A 529 9.81 -24.29 0.63
C THR A 529 9.21 -25.68 0.80
N THR A 530 8.95 -26.08 2.04
CA THR A 530 8.43 -27.42 2.29
C THR A 530 7.00 -27.58 1.78
N THR A 531 6.70 -28.80 1.31
CA THR A 531 5.32 -29.18 0.99
C THR A 531 4.85 -30.35 1.87
N ILE A 532 5.57 -30.58 2.97
CA ILE A 532 5.16 -31.59 3.94
C ILE A 532 4.09 -30.96 4.84
N PRO A 533 2.86 -31.54 4.86
CA PRO A 533 1.83 -30.98 5.71
C PRO A 533 2.17 -31.01 7.20
N THR A 534 1.67 -30.02 7.93
CA THR A 534 1.82 -29.96 9.37
C THR A 534 0.49 -29.73 10.05
N GLU A 535 0.33 -30.28 11.25
CA GLU A 535 -0.83 -29.99 12.09
C GLU A 535 -0.60 -28.76 12.96
N HIS A 536 0.61 -28.19 12.90
CA HIS A 536 1.01 -27.12 13.81
C HIS A 536 1.02 -25.76 13.16
N ARG A 537 0.50 -24.79 13.89
CA ARG A 537 0.58 -23.40 13.54
C ARG A 537 1.49 -22.67 14.53
N LEU A 538 2.46 -21.94 14.02
CA LEU A 538 3.29 -21.09 14.87
C LEU A 538 3.45 -19.75 14.20
N TYR A 539 3.65 -18.70 15.00
CA TYR A 539 3.91 -17.37 14.46
C TYR A 539 5.10 -17.42 13.52
N THR A 540 5.04 -16.66 12.43
CA THR A 540 6.17 -16.61 11.51
C THR A 540 7.44 -16.35 12.32
N LEU A 541 8.49 -17.08 11.99
CA LEU A 541 9.71 -17.03 12.80
C LEU A 541 10.40 -15.68 12.73
N MET A 542 10.13 -14.93 11.65
CA MET A 542 10.69 -13.60 11.49
C MET A 542 10.06 -12.59 12.45
N HIS A 543 9.00 -13.00 13.15
CA HIS A 543 8.43 -12.18 14.23
C HIS A 543 8.87 -12.61 15.62
N ASP A 544 9.79 -13.57 15.69
CA ASP A 544 10.43 -13.90 16.96
C ASP A 544 11.67 -13.03 17.15
N PRO A 545 11.84 -12.42 18.35
CA PRO A 545 12.94 -11.48 18.57
C PRO A 545 14.36 -12.03 18.53
N VAL A 546 14.57 -13.35 18.70
CA VAL A 546 15.90 -13.94 18.59
C VAL A 546 16.12 -14.55 17.20
N TYR A 547 15.09 -15.20 16.65
CA TYR A 547 15.21 -15.77 15.31
C TYR A 547 15.47 -14.69 14.27
N ARG A 548 14.72 -13.60 14.32
CA ARG A 548 14.88 -12.54 13.32
C ARG A 548 16.30 -11.99 13.34
N LEU A 549 16.84 -11.83 14.54
CA LEU A 549 18.21 -11.35 14.69
C LEU A 549 19.22 -12.38 14.19
N GLY A 550 18.93 -13.66 14.38
CA GLY A 550 19.76 -14.74 13.81
C GLY A 550 19.84 -14.69 12.29
N ILE A 551 18.74 -14.34 11.64
CA ILE A 551 18.76 -14.23 10.19
C ILE A 551 19.67 -13.07 9.79
N ALA A 552 19.62 -11.97 10.54
CA ALA A 552 20.50 -10.84 10.24
C ALA A 552 21.98 -11.20 10.36
N TRP A 553 22.36 -12.02 11.36
CA TRP A 553 23.78 -12.40 11.49
C TRP A 553 24.14 -13.71 10.81
N GLN A 554 23.20 -14.36 10.12
CA GLN A 554 23.53 -15.67 9.54
C GLN A 554 24.75 -15.62 8.63
N ASN A 555 24.89 -14.55 7.85
CA ASN A 555 26.01 -14.46 6.93
C ASN A 555 27.37 -14.35 7.60
N ILE A 556 27.40 -13.84 8.82
CA ILE A 556 28.69 -13.39 9.34
C ILE A 556 29.67 -14.54 9.55
N ALA A 557 30.89 -14.27 9.12
CA ALA A 557 32.02 -15.18 9.28
C ALA A 557 31.57 -16.63 9.07
N TYR A 558 31.72 -17.51 10.06
CA TYR A 558 31.26 -18.89 9.89
C TYR A 558 29.79 -19.04 10.24
N ASN A 559 28.97 -18.95 9.20
CA ASN A 559 27.50 -18.91 9.32
C ASN A 559 27.01 -19.98 10.28
N GLN A 560 26.15 -19.55 11.22
CA GLN A 560 25.50 -20.46 12.18
C GLN A 560 23.99 -20.43 11.97
N PRO A 561 23.30 -21.54 12.31
CA PRO A 561 21.86 -21.60 12.13
C PRO A 561 21.11 -20.75 13.14
N PRO A 562 19.89 -20.33 12.80
CA PRO A 562 19.11 -19.49 13.70
C PRO A 562 18.35 -20.29 14.76
N HIS A 563 18.02 -19.60 15.85
CA HIS A 563 17.25 -20.17 16.95
C HIS A 563 16.11 -19.24 17.36
N THR A 564 15.10 -19.82 17.98
CA THR A 564 13.98 -19.04 18.51
C THR A 564 14.24 -18.63 19.97
N SER A 565 13.56 -17.58 20.41
CA SER A 565 13.68 -17.10 21.79
C SER A 565 13.00 -18.04 22.79
N PHE A 566 12.09 -18.87 22.29
CA PHE A 566 11.32 -19.82 23.08
C PHE A 566 11.71 -21.23 22.66
N PHE A 567 11.38 -22.22 23.49
CA PHE A 567 11.61 -23.60 23.13
C PHE A 567 10.56 -24.04 22.11
N LEU A 568 11.02 -24.28 20.89
CA LEU A 568 10.19 -24.84 19.83
C LEU A 568 10.63 -26.28 19.68
N GLY A 569 9.76 -27.20 20.08
CA GLY A 569 10.12 -28.60 20.02
C GLY A 569 9.07 -29.49 20.63
N ASP A 570 9.37 -30.77 20.73
CA ASP A 570 8.42 -31.73 21.26
C ASP A 570 8.12 -31.41 22.71
N GLY A 571 6.83 -31.39 23.04
CA GLY A 571 6.38 -31.10 24.40
C GLY A 571 6.37 -29.62 24.75
N MET A 572 6.58 -28.76 23.76
CA MET A 572 6.60 -27.31 24.01
C MET A 572 5.27 -26.80 24.55
N ALA A 573 5.36 -25.74 25.34
CA ALA A 573 4.18 -24.99 25.75
C ALA A 573 3.69 -24.14 24.58
N GLU A 574 2.41 -23.75 24.63
CA GLU A 574 1.85 -22.86 23.61
C GLU A 574 2.52 -21.49 23.70
N GLN A 575 3.09 -21.05 22.59
CA GLN A 575 3.82 -19.77 22.53
C GLN A 575 2.89 -18.57 22.66
N PRO A 576 3.30 -17.58 23.47
CA PRO A 576 2.57 -16.32 23.55
C PRO A 576 2.76 -15.49 22.28
N LYS A 577 1.81 -14.60 22.03
CA LYS A 577 1.88 -13.64 20.94
C LYS A 577 3.12 -12.76 21.12
N PRO A 578 3.88 -12.54 20.02
CA PRO A 578 5.01 -11.61 20.07
C PRO A 578 4.59 -10.23 20.56
N ASN A 579 5.41 -9.63 21.42
CA ASN A 579 5.20 -8.28 21.90
C ASN A 579 5.88 -7.32 20.94
N MET A 580 5.13 -6.88 19.94
CA MET A 580 5.71 -6.13 18.83
C MET A 580 4.80 -5.03 18.30
N TYR A 581 5.39 -4.08 17.60
CA TYR A 581 4.67 -3.15 16.76
C TYR A 581 5.40 -3.08 15.42
N THR A 582 4.71 -2.60 14.39
CA THR A 582 5.37 -2.38 13.11
C THR A 582 5.40 -0.88 12.80
N PRO A 583 6.37 -0.42 11.98
CA PRO A 583 6.34 0.95 11.51
C PRO A 583 5.05 1.28 10.76
N ALA B 2 1.11 20.90 -5.23
CA ALA B 2 0.40 19.68 -5.74
C ALA B 2 -0.78 19.34 -4.86
N ARG B 3 -1.86 18.89 -5.51
CA ARG B 3 -3.10 18.51 -4.82
C ARG B 3 -3.19 17.01 -4.60
N GLN B 4 -3.73 16.64 -3.44
CA GLN B 4 -4.11 15.25 -3.20
C GLN B 4 -5.18 14.83 -4.21
N MET B 5 -4.91 13.75 -4.94
CA MET B 5 -5.91 13.16 -5.82
C MET B 5 -5.86 11.63 -5.67
N GLU B 6 -6.80 10.92 -6.29
CA GLU B 6 -6.92 9.49 -6.06
C GLU B 6 -5.92 8.66 -6.85
N ALA B 7 -5.34 7.67 -6.19
CA ALA B 7 -4.59 6.63 -6.88
C ALA B 7 -5.59 5.76 -7.62
N LEU B 8 -5.52 5.76 -8.95
CA LEU B 8 -6.46 5.00 -9.77
C LEU B 8 -5.75 3.89 -10.53
N ASN B 9 -6.45 2.78 -10.72
CA ASN B 9 -5.89 1.71 -11.56
C ASN B 9 -6.02 2.07 -13.04
N ARG B 10 -5.63 1.16 -13.92
CA ARG B 10 -5.62 1.44 -15.36
C ARG B 10 -7.03 1.72 -15.93
N GLY B 11 -8.06 1.24 -15.24
CA GLY B 11 -9.45 1.45 -15.68
C GLY B 11 -9.77 0.78 -17.00
N LEU B 12 -9.07 -0.31 -17.30
CA LEU B 12 -9.24 -1.01 -18.56
C LEU B 12 -10.63 -1.61 -18.70
N VAL B 13 -11.26 -1.37 -19.86
N VAL B 13 -11.22 -1.39 -19.87
CA VAL B 13 -12.56 -1.95 -20.18
CA VAL B 13 -12.54 -1.92 -20.20
C VAL B 13 -12.58 -2.48 -21.62
C VAL B 13 -12.48 -2.55 -21.59
N ALA B 14 -13.30 -3.59 -21.82
CA ALA B 14 -13.41 -4.23 -23.11
C ALA B 14 -14.87 -4.52 -23.40
N VAL B 15 -15.35 -4.03 -24.55
CA VAL B 15 -16.77 -4.05 -24.89
C VAL B 15 -16.93 -4.50 -26.34
N LYS B 16 -17.96 -5.31 -26.60
CA LYS B 16 -18.28 -5.72 -27.97
C LYS B 16 -18.59 -4.49 -28.82
N THR B 17 -18.20 -4.55 -30.10
CA THR B 17 -18.43 -3.45 -31.03
C THR B 17 -18.61 -4.00 -32.44
N ASP B 18 -18.92 -3.15 -33.41
CA ASP B 18 -18.84 -3.57 -34.80
C ASP B 18 -17.39 -3.59 -35.19
N GLY B 19 -16.97 -4.73 -35.68
CA GLY B 19 -15.58 -5.14 -35.61
C GLY B 19 -15.57 -6.09 -34.44
N GLY B 20 -14.40 -6.35 -33.88
CA GLY B 20 -14.32 -7.24 -32.75
C GLY B 20 -14.67 -6.52 -31.46
N ILE B 21 -13.62 -6.11 -30.75
CA ILE B 21 -13.76 -5.66 -29.38
C ILE B 21 -13.16 -4.27 -29.24
N PHE B 22 -13.95 -3.37 -28.66
CA PHE B 22 -13.46 -2.05 -28.30
C PHE B 22 -12.83 -2.06 -26.90
N VAL B 23 -11.61 -1.54 -26.82
CA VAL B 23 -10.87 -1.50 -25.57
C VAL B 23 -10.49 -0.06 -25.27
N SER B 24 -10.71 0.41 -24.04
CA SER B 24 -10.20 1.73 -23.65
C SER B 24 -9.70 1.72 -22.21
N TRP B 25 -8.83 2.67 -21.90
CA TRP B 25 -8.18 2.71 -20.59
C TRP B 25 -7.76 4.14 -20.27
N ARG B 26 -7.31 4.34 -19.03
CA ARG B 26 -6.93 5.67 -18.52
C ARG B 26 -5.53 6.10 -18.91
N PHE B 27 -5.39 7.39 -19.20
CA PHE B 27 -4.11 8.08 -19.16
C PHE B 27 -4.10 8.73 -17.79
N LEU B 28 -3.22 8.25 -16.90
CA LEU B 28 -3.22 8.68 -15.50
C LEU B 28 -2.47 9.98 -15.29
N GLY B 29 -2.94 10.79 -14.34
CA GLY B 29 -2.34 12.09 -14.03
C GLY B 29 -0.91 12.03 -13.54
N THR B 30 -0.46 10.83 -13.19
CA THR B 30 0.92 10.60 -12.73
C THR B 30 1.87 10.34 -13.91
N GLU B 31 1.30 10.22 -15.12
CA GLU B 31 2.05 9.84 -16.32
C GLU B 31 2.32 11.06 -17.21
N ASN B 32 3.53 11.14 -17.78
CA ASN B 32 3.84 12.24 -18.68
C ASN B 32 3.57 11.89 -20.14
N ALA B 33 3.75 12.87 -21.03
CA ALA B 33 3.39 12.73 -22.43
C ALA B 33 4.15 11.64 -23.18
N SER B 34 5.28 11.20 -22.64
CA SER B 34 6.12 10.18 -23.29
C SER B 34 5.60 8.74 -23.18
N VAL B 35 4.57 8.53 -22.37
CA VAL B 35 4.05 7.18 -22.15
C VAL B 35 3.30 6.65 -23.37
N LEU B 36 3.58 5.40 -23.71
CA LEU B 36 2.91 4.67 -24.78
C LEU B 36 2.38 3.36 -24.21
N PHE B 37 1.65 2.59 -25.01
CA PHE B 37 1.00 1.38 -24.54
C PHE B 37 1.05 0.22 -25.52
N ASN B 38 1.14 -0.99 -24.98
CA ASN B 38 0.93 -2.21 -25.75
C ASN B 38 -0.34 -2.90 -25.28
N VAL B 39 -1.11 -3.41 -26.24
CA VAL B 39 -2.39 -4.05 -25.96
C VAL B 39 -2.25 -5.54 -26.19
N TYR B 40 -2.71 -6.32 -25.20
CA TYR B 40 -2.59 -7.77 -25.24
C TYR B 40 -3.95 -8.44 -25.16
N ARG B 41 -4.21 -9.38 -26.08
CA ARG B 41 -5.37 -10.25 -25.98
C ARG B 41 -4.90 -11.62 -25.54
N ASP B 42 -5.25 -12.01 -24.32
CA ASP B 42 -4.89 -13.30 -23.74
C ASP B 42 -3.39 -13.61 -23.90
N GLY B 43 -2.56 -12.64 -23.53
CA GLY B 43 -1.11 -12.80 -23.53
C GLY B 43 -0.41 -12.45 -24.83
N GLN B 44 -1.18 -12.28 -25.90
CA GLN B 44 -0.62 -11.97 -27.22
C GLN B 44 -0.77 -10.49 -27.59
N LYS B 45 0.35 -9.87 -27.96
CA LYS B 45 0.38 -8.46 -28.33
C LYS B 45 -0.33 -8.23 -29.68
N LEU B 46 -1.14 -7.18 -29.72
CA LEU B 46 -1.96 -6.89 -30.90
C LEU B 46 -1.31 -5.83 -31.81
N ASN B 47 -0.61 -4.88 -31.21
CA ASN B 47 -0.02 -3.76 -31.92
C ASN B 47 1.48 -3.96 -32.15
N ALA B 48 1.92 -3.82 -33.40
CA ALA B 48 3.33 -3.99 -33.77
C ALA B 48 4.21 -2.92 -33.15
N ALA B 49 3.71 -1.69 -33.07
CA ALA B 49 4.41 -0.59 -32.42
C ALA B 49 3.58 -0.07 -31.26
N PRO B 50 4.23 0.35 -30.16
CA PRO B 50 3.50 0.92 -29.03
C PRO B 50 2.60 2.09 -29.46
N VAL B 51 1.37 2.10 -28.95
CA VAL B 51 0.39 3.11 -29.33
C VAL B 51 0.35 4.27 -28.32
N LYS B 52 -0.08 5.43 -28.78
CA LYS B 52 -0.20 6.60 -27.92
C LYS B 52 -1.61 6.69 -27.34
N THR B 53 -2.60 6.56 -28.21
CA THR B 53 -4.00 6.75 -27.85
C THR B 53 -4.51 5.65 -26.91
N THR B 54 -5.48 6.02 -26.07
CA THR B 54 -5.94 5.17 -24.96
C THR B 54 -7.20 4.38 -25.32
N ASN B 55 -7.39 4.10 -26.60
CA ASN B 55 -8.43 3.19 -27.05
C ASN B 55 -7.95 2.39 -28.27
N TYR B 56 -8.54 1.22 -28.46
CA TYR B 56 -8.07 0.27 -29.47
C TYR B 56 -9.21 -0.65 -29.88
N VAL B 57 -9.36 -0.86 -31.17
CA VAL B 57 -10.35 -1.82 -31.66
C VAL B 57 -9.64 -3.08 -32.15
N ASP B 58 -9.96 -4.20 -31.49
CA ASP B 58 -9.43 -5.50 -31.87
C ASP B 58 -10.41 -6.21 -32.80
N LYS B 59 -10.08 -6.22 -34.09
CA LYS B 59 -10.95 -6.78 -35.11
C LYS B 59 -11.14 -8.29 -34.96
N ASN B 60 -10.20 -8.94 -34.27
CA ASN B 60 -10.19 -10.39 -34.12
C ASN B 60 -10.55 -10.92 -32.73
N GLY B 61 -10.99 -10.02 -31.85
CA GLY B 61 -11.42 -10.42 -30.51
C GLY B 61 -12.81 -11.02 -30.53
N SER B 62 -13.12 -11.79 -29.48
CA SER B 62 -14.44 -12.39 -29.33
C SER B 62 -14.95 -12.24 -27.90
N ALA B 63 -16.17 -12.72 -27.66
CA ALA B 63 -16.82 -12.61 -26.37
C ALA B 63 -16.05 -13.25 -25.21
N GLY B 64 -15.24 -14.27 -25.53
CA GLY B 64 -14.47 -14.98 -24.53
C GLY B 64 -13.05 -14.47 -24.30
N SER B 65 -12.66 -13.45 -25.06
CA SER B 65 -11.31 -12.88 -24.97
C SER B 65 -11.11 -12.10 -23.67
N THR B 66 -9.86 -12.03 -23.21
CA THR B 66 -9.50 -11.15 -22.08
C THR B 66 -8.33 -10.26 -22.47
N TYR B 67 -8.29 -9.07 -21.89
CA TYR B 67 -7.32 -8.06 -22.30
C TYR B 67 -6.50 -7.52 -21.14
N THR B 68 -5.25 -7.19 -21.43
CA THR B 68 -4.42 -6.42 -20.53
C THR B 68 -3.73 -5.32 -21.34
N VAL B 69 -3.28 -4.29 -20.64
CA VAL B 69 -2.47 -3.25 -21.26
C VAL B 69 -1.18 -3.11 -20.46
N ARG B 70 -0.09 -2.87 -21.16
N ARG B 70 -0.08 -2.87 -21.16
CA ARG B 70 1.20 -2.59 -20.54
CA ARG B 70 1.20 -2.59 -20.53
C ARG B 70 1.71 -1.23 -21.01
C ARG B 70 1.71 -1.23 -21.01
N ALA B 71 2.00 -0.36 -20.05
CA ALA B 71 2.59 0.95 -20.35
C ALA B 71 4.03 0.73 -20.84
N VAL B 72 4.42 1.50 -21.84
CA VAL B 72 5.78 1.49 -22.37
C VAL B 72 6.41 2.83 -22.02
N VAL B 73 7.37 2.80 -21.10
CA VAL B 73 8.04 4.00 -20.60
C VAL B 73 9.50 3.99 -21.04
N ASN B 74 9.87 4.96 -21.89
CA ASN B 74 11.18 5.01 -22.54
C ASN B 74 11.57 3.68 -23.21
N GLY B 75 10.63 3.08 -23.91
CA GLY B 75 10.85 1.79 -24.56
C GLY B 75 10.73 0.55 -23.68
N THR B 76 10.59 0.75 -22.37
CA THR B 76 10.52 -0.38 -21.43
C THR B 76 9.09 -0.66 -20.93
N GLU B 77 8.72 -1.93 -21.00
CA GLU B 77 7.36 -2.36 -20.68
C GLU B 77 7.15 -2.49 -19.18
N GLN B 78 6.06 -1.89 -18.69
CA GLN B 78 5.71 -1.93 -17.27
C GLN B 78 4.79 -3.13 -16.99
N PRO B 79 4.56 -3.45 -15.69
CA PRO B 79 3.70 -4.58 -15.34
C PRO B 79 2.30 -4.46 -15.94
N ALA B 80 1.71 -5.61 -16.27
CA ALA B 80 0.40 -5.66 -16.89
C ALA B 80 -0.68 -5.08 -15.98
N SER B 81 -1.68 -4.45 -16.61
CA SER B 81 -2.90 -4.04 -15.93
C SER B 81 -3.66 -5.27 -15.45
N GLU B 82 -4.68 -5.05 -14.62
CA GLU B 82 -5.66 -6.08 -14.33
C GLU B 82 -6.24 -6.60 -15.66
N LYS B 83 -6.59 -7.88 -15.68
CA LYS B 83 -7.25 -8.47 -16.84
C LYS B 83 -8.67 -7.93 -16.97
N ALA B 84 -9.07 -7.61 -18.20
CA ALA B 84 -10.44 -7.19 -18.49
C ALA B 84 -11.11 -8.23 -19.37
N SER B 85 -12.26 -8.72 -18.91
CA SER B 85 -13.09 -9.59 -19.73
C SER B 85 -13.99 -8.71 -20.59
N VAL B 86 -14.54 -9.30 -21.65
CA VAL B 86 -15.41 -8.56 -22.55
C VAL B 86 -16.81 -8.47 -21.95
N TRP B 87 -17.34 -7.25 -21.88
CA TRP B 87 -18.71 -7.02 -21.41
C TRP B 87 -19.70 -7.80 -22.28
N ALA B 88 -20.69 -8.40 -21.63
CA ALA B 88 -21.76 -9.11 -22.36
C ALA B 88 -22.65 -8.14 -23.14
N GLN B 89 -22.80 -6.93 -22.62
CA GLN B 89 -23.70 -5.92 -23.20
C GLN B 89 -22.96 -4.59 -23.45
N PRO B 90 -23.61 -3.62 -24.14
CA PRO B 90 -23.03 -2.27 -24.29
C PRO B 90 -22.91 -1.54 -22.96
N TYR B 91 -23.61 -2.06 -21.95
CA TYR B 91 -23.53 -1.52 -20.60
C TYR B 91 -23.11 -2.63 -19.63
N HIS B 92 -22.63 -2.22 -18.45
CA HIS B 92 -22.34 -3.14 -17.37
C HIS B 92 -23.43 -3.00 -16.30
N SER B 93 -24.08 -4.11 -15.96
CA SER B 93 -25.14 -4.08 -14.96
C SER B 93 -24.60 -4.30 -13.56
N VAL B 94 -25.02 -3.43 -12.64
CA VAL B 94 -24.72 -3.58 -11.23
C VAL B 94 -26.05 -3.91 -10.55
N PRO B 95 -26.24 -5.17 -10.12
CA PRO B 95 -27.51 -5.52 -9.49
C PRO B 95 -27.67 -4.80 -8.16
N LEU B 96 -28.89 -4.37 -7.86
CA LEU B 96 -29.15 -3.64 -6.63
C LEU B 96 -29.95 -4.48 -5.65
N ASP B 97 -29.83 -4.15 -4.36
CA ASP B 97 -30.69 -4.69 -3.32
C ASP B 97 -31.82 -3.69 -3.11
N LYS B 98 -32.90 -3.84 -3.90
CA LYS B 98 -33.97 -2.87 -3.88
C LYS B 98 -34.71 -2.97 -2.56
N PRO B 99 -34.79 -1.85 -1.80
CA PRO B 99 -35.45 -1.87 -0.51
C PRO B 99 -36.95 -2.04 -0.64
N ALA B 100 -37.55 -2.78 0.30
CA ALA B 100 -38.99 -2.92 0.34
C ALA B 100 -39.65 -1.58 0.69
N GLY B 101 -40.87 -1.40 0.20
CA GLY B 101 -41.66 -0.21 0.51
C GLY B 101 -42.16 -0.21 1.94
N GLY B 102 -42.79 0.89 2.35
CA GLY B 102 -43.32 1.02 3.70
C GLY B 102 -44.57 1.87 3.72
N THR B 103 -44.96 2.27 4.91
CA THR B 103 -46.12 3.14 5.13
C THR B 103 -45.78 4.25 6.12
N THR B 104 -46.33 5.44 5.89
CA THR B 104 -46.13 6.58 6.76
C THR B 104 -47.13 6.53 7.93
N PRO B 105 -46.96 7.40 8.96
CA PRO B 105 -47.95 7.48 10.04
C PRO B 105 -49.37 7.77 9.59
N LYS B 106 -49.54 8.28 8.37
CA LYS B 106 -50.86 8.58 7.81
C LYS B 106 -51.44 7.43 7.00
N GLY B 107 -50.68 6.34 6.90
CA GLY B 107 -51.14 5.16 6.16
C GLY B 107 -50.86 5.20 4.67
N GLU B 108 -50.10 6.20 4.24
CA GLU B 108 -49.69 6.30 2.84
C GLU B 108 -48.56 5.31 2.56
N SER B 109 -48.77 4.46 1.55
CA SER B 109 -47.76 3.52 1.10
C SER B 109 -46.76 4.23 0.18
N TYR B 110 -45.52 3.74 0.19
CA TYR B 110 -44.49 4.24 -0.72
C TYR B 110 -43.55 3.10 -1.12
N THR B 111 -42.94 3.25 -2.29
CA THR B 111 -41.94 2.33 -2.78
C THR B 111 -40.66 3.11 -3.06
N TYR B 112 -39.58 2.40 -3.38
CA TYR B 112 -38.27 3.01 -3.63
C TYR B 112 -37.84 2.94 -5.07
N SER B 113 -37.15 3.99 -5.50
CA SER B 113 -36.44 3.97 -6.77
C SER B 113 -35.00 4.44 -6.57
N ALA B 114 -34.10 3.91 -7.38
CA ALA B 114 -32.70 4.30 -7.35
C ALA B 114 -32.61 5.74 -7.83
N ASN B 115 -31.82 6.56 -7.14
CA ASN B 115 -31.81 7.98 -7.42
C ASN B 115 -30.36 8.47 -7.62
N ASP B 116 -29.99 9.62 -7.06
CA ASP B 116 -28.66 10.19 -7.31
C ASP B 116 -27.57 9.29 -6.77
N ALA B 117 -26.44 9.25 -7.47
CA ALA B 117 -25.26 8.59 -6.92
C ALA B 117 -24.03 9.50 -6.87
N SER B 118 -23.02 8.99 -6.19
CA SER B 118 -21.68 9.54 -6.25
C SER B 118 -20.72 8.37 -6.33
N VAL B 119 -19.42 8.68 -6.43
CA VAL B 119 -18.39 7.65 -6.40
C VAL B 119 -17.28 7.99 -5.44
N GLY B 120 -16.67 6.94 -4.91
CA GLY B 120 -15.45 7.03 -4.15
C GLY B 120 -14.83 5.65 -4.15
N ASP B 121 -13.52 5.61 -3.98
CA ASP B 121 -12.82 4.35 -3.85
C ASP B 121 -12.69 4.07 -2.35
N VAL B 122 -13.58 3.23 -1.84
CA VAL B 122 -13.71 3.07 -0.38
C VAL B 122 -12.67 2.12 0.21
N ASP B 123 -12.08 1.28 -0.65
CA ASP B 123 -11.09 0.30 -0.19
C ASP B 123 -9.69 0.52 -0.77
N GLY B 124 -9.53 1.53 -1.62
CA GLY B 124 -8.21 1.96 -2.07
C GLY B 124 -7.52 1.12 -3.13
N ASP B 125 -8.29 0.39 -3.94
CA ASP B 125 -7.71 -0.44 -5.01
C ASP B 125 -7.65 0.27 -6.37
N GLY B 126 -8.11 1.51 -6.43
CA GLY B 126 -8.09 2.28 -7.68
C GLY B 126 -9.28 2.09 -8.60
N GLN B 127 -10.30 1.38 -8.11
CA GLN B 127 -11.57 1.25 -8.81
C GLN B 127 -12.68 1.86 -7.96
N TYR B 128 -13.51 2.67 -8.57
CA TYR B 128 -14.60 3.33 -7.84
C TYR B 128 -15.71 2.40 -7.41
N GLU B 129 -16.22 2.67 -6.20
CA GLU B 129 -17.49 2.16 -5.73
C GLU B 129 -18.57 3.20 -6.03
N LEU B 130 -19.81 2.72 -6.16
CA LEU B 130 -20.96 3.59 -6.31
C LEU B 130 -21.66 3.77 -4.98
N ILE B 131 -21.91 5.03 -4.62
CA ILE B 131 -22.67 5.37 -3.42
C ILE B 131 -24.01 5.87 -3.93
N LEU B 132 -25.07 5.12 -3.62
CA LEU B 132 -26.39 5.34 -4.22
C LEU B 132 -27.40 5.81 -3.18
N LYS B 133 -28.13 6.88 -3.49
CA LYS B 133 -29.26 7.32 -2.70
C LYS B 133 -30.57 6.71 -3.25
N TRP B 134 -31.32 6.08 -2.37
CA TRP B 134 -32.67 5.61 -2.70
C TRP B 134 -33.69 6.70 -2.39
N ASP B 135 -34.70 6.83 -3.25
CA ASP B 135 -35.76 7.82 -3.05
C ASP B 135 -37.11 7.16 -2.86
N PRO B 136 -37.80 7.48 -1.76
CA PRO B 136 -39.16 6.97 -1.59
C PRO B 136 -40.09 7.73 -2.53
N SER B 137 -41.16 7.05 -2.97
CA SER B 137 -42.09 7.60 -3.96
C SER B 137 -42.91 8.78 -3.44
N ASN B 138 -42.81 9.04 -2.14
CA ASN B 138 -43.48 10.20 -1.55
C ASN B 138 -42.50 11.30 -1.10
N SER B 139 -41.30 11.30 -1.68
CA SER B 139 -40.36 12.38 -1.38
C SER B 139 -40.98 13.72 -1.75
N LYS B 140 -40.51 14.78 -1.09
CA LYS B 140 -41.18 16.08 -1.15
C LYS B 140 -40.24 17.25 -1.43
N ASP B 141 -40.74 18.20 -2.21
CA ASP B 141 -40.14 19.51 -2.27
C ASP B 141 -40.41 20.22 -0.95
N ASN B 142 -39.54 21.16 -0.57
CA ASN B 142 -39.72 21.91 0.67
C ASN B 142 -41.07 22.61 0.77
N SER B 143 -41.60 23.05 -0.37
CA SER B 143 -42.88 23.74 -0.43
C SER B 143 -44.10 22.84 -0.16
N GLN B 144 -43.89 21.53 -0.20
CA GLN B 144 -45.00 20.56 -0.09
C GLN B 144 -45.05 19.96 1.30
N ASP B 145 -46.26 19.89 1.87
CA ASP B 145 -46.46 19.17 3.12
C ASP B 145 -46.52 17.67 2.86
N GLY B 146 -46.27 16.89 3.91
CA GLY B 146 -46.49 15.47 3.88
C GLY B 146 -45.33 14.67 4.46
N TYR B 147 -45.65 13.51 5.00
CA TYR B 147 -44.65 12.60 5.53
C TYR B 147 -43.92 11.89 4.42
N THR B 148 -42.64 11.63 4.63
CA THR B 148 -41.82 10.96 3.62
C THR B 148 -41.27 9.65 4.19
N GLY B 149 -41.05 8.69 3.30
CA GLY B 149 -40.34 7.48 3.68
C GLY B 149 -38.86 7.75 3.98
N ASP B 150 -38.21 6.77 4.60
CA ASP B 150 -36.81 6.87 4.95
C ASP B 150 -35.92 7.04 3.72
N VAL B 151 -34.86 7.83 3.87
CA VAL B 151 -33.82 7.94 2.87
C VAL B 151 -32.76 6.89 3.19
N LEU B 152 -32.42 6.09 2.18
CA LEU B 152 -31.42 5.03 2.33
C LEU B 152 -30.23 5.31 1.42
N ILE B 153 -29.04 5.08 1.94
CA ILE B 153 -27.80 5.26 1.18
C ILE B 153 -27.07 3.93 1.19
N ASP B 154 -26.75 3.41 0.01
CA ASP B 154 -26.01 2.14 -0.15
C ASP B 154 -24.66 2.37 -0.79
N ALA B 155 -23.72 1.45 -0.52
CA ALA B 155 -22.47 1.37 -1.27
C ALA B 155 -22.42 0.06 -2.03
N TYR B 156 -22.09 0.14 -3.32
CA TYR B 156 -21.93 -1.04 -4.18
C TYR B 156 -20.58 -1.06 -4.86
N LYS B 157 -19.96 -2.24 -4.88
CA LYS B 157 -18.84 -2.47 -5.79
C LYS B 157 -19.39 -2.72 -7.18
N LEU B 158 -18.55 -2.53 -8.20
CA LEU B 158 -19.03 -2.69 -9.58
C LEU B 158 -19.47 -4.13 -9.89
N ASP B 159 -18.97 -5.08 -9.12
CA ASP B 159 -19.36 -6.49 -9.28
C ASP B 159 -20.71 -6.82 -8.63
N GLY B 160 -21.38 -5.81 -8.09
CA GLY B 160 -22.69 -5.99 -7.47
C GLY B 160 -22.68 -6.23 -5.96
N THR B 161 -21.50 -6.35 -5.36
CA THR B 161 -21.40 -6.53 -3.91
C THR B 161 -21.95 -5.31 -3.18
N LYS B 162 -22.97 -5.52 -2.36
CA LYS B 162 -23.48 -4.46 -1.49
C LYS B 162 -22.66 -4.43 -0.22
N LEU B 163 -21.97 -3.32 0.01
CA LEU B 163 -21.08 -3.19 1.17
C LEU B 163 -21.82 -2.80 2.43
N TRP B 164 -22.86 -1.99 2.29
CA TRP B 164 -23.63 -1.50 3.44
C TRP B 164 -24.81 -0.67 2.99
N ARG B 165 -25.71 -0.44 3.95
CA ARG B 165 -26.83 0.49 3.84
C ARG B 165 -26.88 1.35 5.10
N ILE B 166 -27.02 2.66 4.90
CA ILE B 166 -27.31 3.59 5.99
C ILE B 166 -28.77 4.02 5.84
N ASN B 167 -29.52 4.00 6.94
CA ASN B 167 -30.89 4.47 6.92
C ASN B 167 -30.92 5.78 7.69
N LEU B 168 -31.16 6.88 6.99
CA LEU B 168 -31.10 8.18 7.63
C LEU B 168 -32.21 8.42 8.65
N GLY B 169 -33.31 7.68 8.52
CA GLY B 169 -34.32 7.61 9.57
C GLY B 169 -35.37 8.69 9.49
N LYS B 170 -36.32 8.64 10.43
CA LYS B 170 -37.53 9.45 10.36
C LYS B 170 -37.30 10.95 10.50
N ASN B 171 -36.14 11.35 11.01
CA ASN B 171 -35.87 12.77 11.25
C ASN B 171 -35.09 13.45 10.12
N ILE B 172 -34.90 12.72 9.03
CA ILE B 172 -34.32 13.29 7.81
C ILE B 172 -35.34 13.13 6.69
N ARG B 173 -35.94 14.26 6.32
CA ARG B 173 -36.99 14.26 5.31
C ARG B 173 -36.42 13.90 3.93
N ALA B 174 -37.19 13.19 3.12
CA ALA B 174 -36.78 12.81 1.77
C ALA B 174 -37.19 13.89 0.77
N GLY B 175 -36.26 14.25 -0.11
CA GLY B 175 -36.52 15.26 -1.13
C GLY B 175 -35.20 15.79 -1.67
N ALA B 176 -35.26 16.45 -2.81
CA ALA B 176 -34.04 16.88 -3.51
C ALA B 176 -33.18 17.80 -2.66
N HIS B 177 -33.81 18.64 -1.83
CA HIS B 177 -33.10 19.70 -1.14
C HIS B 177 -32.62 19.35 0.26
N TYR B 178 -32.91 18.12 0.69
CA TYR B 178 -32.56 17.68 2.03
C TYR B 178 -31.17 17.06 2.08
N THR B 179 -31.05 15.73 1.97
CA THR B 179 -29.74 15.08 2.05
C THR B 179 -28.86 15.43 0.87
N GLN B 180 -27.66 15.93 1.19
CA GLN B 180 -26.62 16.25 0.22
C GLN B 180 -25.37 15.50 0.67
N PHE B 181 -25.01 14.44 -0.05
CA PHE B 181 -23.98 13.51 0.46
C PHE B 181 -22.66 13.65 -0.27
N MET B 182 -21.60 13.82 0.52
CA MET B 182 -20.26 14.02 -0.02
C MET B 182 -19.45 12.75 0.13
N VAL B 183 -18.91 12.29 -0.99
CA VAL B 183 -18.06 11.09 -0.98
C VAL B 183 -16.65 11.51 -1.41
N TYR B 184 -15.68 11.30 -0.52
CA TYR B 184 -14.33 11.79 -0.78
C TYR B 184 -13.37 11.25 0.27
N ASP B 185 -12.12 11.09 -0.12
CA ASP B 185 -11.06 10.79 0.82
C ASP B 185 -10.66 12.09 1.51
N LEU B 186 -11.39 12.43 2.57
CA LEU B 186 -11.19 13.69 3.28
C LEU B 186 -9.87 13.74 4.06
N ASP B 187 -9.45 12.60 4.61
CA ASP B 187 -8.26 12.59 5.48
C ASP B 187 -6.97 12.17 4.79
N GLY B 188 -7.07 11.70 3.55
CA GLY B 188 -5.90 11.44 2.73
C GLY B 188 -5.19 10.12 2.99
N ASP B 189 -5.94 9.09 3.35
CA ASP B 189 -5.35 7.76 3.57
C ASP B 189 -5.53 6.84 2.37
N GLY B 190 -6.15 7.34 1.30
CA GLY B 190 -6.38 6.56 0.10
C GLY B 190 -7.77 5.93 -0.02
N LYS B 191 -8.61 6.11 1.00
CA LYS B 191 -9.94 5.51 1.02
C LYS B 191 -10.99 6.58 1.25
N ALA B 192 -12.07 6.52 0.47
CA ALA B 192 -13.15 7.49 0.61
C ALA B 192 -14.00 7.27 1.86
N GLU B 193 -14.46 8.37 2.43
CA GLU B 193 -15.53 8.32 3.42
C GLU B 193 -16.75 9.04 2.85
N VAL B 194 -17.84 8.99 3.60
CA VAL B 194 -19.12 9.54 3.16
C VAL B 194 -19.61 10.47 4.27
N ALA B 195 -19.87 11.73 3.94
CA ALA B 195 -20.31 12.72 4.92
C ALA B 195 -21.66 13.30 4.53
N MET B 196 -22.56 13.42 5.51
CA MET B 196 -23.88 14.03 5.28
C MET B 196 -24.53 14.43 6.61
N LYS B 197 -25.59 15.22 6.51
CA LYS B 197 -26.40 15.59 7.64
C LYS B 197 -27.20 14.38 8.13
N THR B 198 -27.19 14.16 9.45
CA THR B 198 -27.86 13.03 10.07
C THR B 198 -28.70 13.53 11.24
N ALA B 199 -29.41 12.62 11.91
CA ALA B 199 -30.29 13.02 13.01
C ALA B 199 -30.45 11.89 14.00
N ASP B 200 -31.17 12.16 15.09
CA ASP B 200 -31.60 11.09 15.97
C ASP B 200 -32.30 10.04 15.13
N GLY B 201 -31.92 8.79 15.32
CA GLY B 201 -32.55 7.71 14.58
C GLY B 201 -31.86 7.31 13.29
N THR B 202 -30.88 8.08 12.85
CA THR B 202 -30.04 7.63 11.73
C THR B 202 -29.32 6.35 12.16
N LYS B 203 -29.36 5.33 11.30
CA LYS B 203 -28.73 4.06 11.61
C LYS B 203 -27.56 3.83 10.67
N ASP B 204 -26.37 3.63 11.23
CA ASP B 204 -25.18 3.48 10.39
C ASP B 204 -25.10 2.09 9.75
N GLY B 205 -24.07 1.87 8.94
CA GLY B 205 -23.94 0.63 8.18
C GLY B 205 -23.74 -0.60 9.03
N THR B 206 -23.34 -0.42 10.28
CA THR B 206 -23.16 -1.54 11.21
C THR B 206 -24.41 -1.78 12.07
N GLY B 207 -25.43 -0.94 11.91
CA GLY B 207 -26.68 -1.11 12.64
C GLY B 207 -26.74 -0.34 13.95
N LYS B 208 -25.82 0.60 14.14
CA LYS B 208 -25.83 1.47 15.33
C LYS B 208 -26.66 2.70 15.04
N VAL B 209 -27.60 2.99 15.93
CA VAL B 209 -28.47 4.16 15.79
C VAL B 209 -27.83 5.36 16.48
N ILE B 210 -27.76 6.48 15.76
CA ILE B 210 -27.18 7.72 16.25
C ILE B 210 -28.17 8.48 17.13
N GLY B 211 -27.67 9.01 18.24
CA GLY B 211 -28.46 9.87 19.11
C GLY B 211 -29.54 9.16 19.88
N ASN B 212 -30.70 9.82 19.96
CA ASN B 212 -31.86 9.35 20.69
C ASN B 212 -32.70 8.49 19.75
N ALA B 213 -32.57 7.17 19.89
CA ALA B 213 -33.00 6.23 18.86
C ALA B 213 -34.45 6.37 18.41
N ASN B 214 -35.34 6.62 19.37
CA ASN B 214 -36.78 6.67 19.08
C ASN B 214 -37.40 8.07 19.03
N ALA B 215 -36.57 9.11 19.16
CA ALA B 215 -37.04 10.49 19.07
C ALA B 215 -37.70 10.76 17.72
N ASP B 216 -38.83 11.47 17.72
CA ASP B 216 -39.57 11.74 16.51
C ASP B 216 -39.89 13.24 16.44
N TYR B 217 -39.17 13.95 15.60
CA TYR B 217 -39.33 15.40 15.45
C TYR B 217 -40.10 15.79 14.19
N ARG B 218 -40.76 14.83 13.57
CA ARG B 218 -41.65 15.15 12.45
C ARG B 218 -42.84 15.96 12.94
N ASN B 219 -43.05 17.12 12.33
CA ASN B 219 -44.19 17.96 12.71
C ASN B 219 -45.47 17.50 12.03
N GLU B 220 -46.57 18.23 12.27
CA GLU B 220 -47.88 17.86 11.73
C GLU B 220 -47.95 17.82 10.22
N GLN B 221 -47.01 18.51 9.59
CA GLN B 221 -46.92 18.56 8.13
C GLN B 221 -45.82 17.67 7.58
N GLY B 222 -45.22 16.84 8.44
CA GLY B 222 -44.17 15.93 8.00
C GLY B 222 -42.84 16.59 7.72
N ARG B 223 -42.65 17.81 8.19
CA ARG B 223 -41.37 18.50 8.12
C ARG B 223 -40.67 18.36 9.45
N VAL B 224 -39.34 18.29 9.44
CA VAL B 224 -38.58 18.11 10.68
C VAL B 224 -37.93 19.44 11.01
N LEU B 225 -38.57 20.19 11.90
CA LEU B 225 -38.23 21.60 12.15
C LEU B 225 -37.79 21.86 13.58
N SER B 226 -37.47 20.79 14.31
CA SER B 226 -37.05 20.90 15.69
C SER B 226 -36.16 19.72 16.03
N GLY B 227 -35.52 19.78 17.20
CA GLY B 227 -34.66 18.72 17.66
C GLY B 227 -33.24 18.87 17.17
N PRO B 228 -32.32 18.05 17.72
CA PRO B 228 -30.92 18.11 17.32
C PRO B 228 -30.70 17.83 15.83
N GLU B 229 -29.63 18.38 15.28
CA GLU B 229 -29.22 18.09 13.92
C GLU B 229 -27.74 17.76 13.97
N TYR B 230 -27.33 16.74 13.22
CA TYR B 230 -25.95 16.28 13.28
C TYR B 230 -25.26 16.25 11.92
N LEU B 231 -23.93 16.26 11.95
CA LEU B 231 -23.12 16.02 10.76
C LEU B 231 -22.27 14.80 11.05
N THR B 232 -22.34 13.79 10.19
CA THR B 232 -21.59 12.56 10.42
C THR B 232 -20.67 12.25 9.26
N VAL B 233 -19.45 11.81 9.59
CA VAL B 233 -18.54 11.22 8.62
C VAL B 233 -18.60 9.72 8.85
N PHE B 234 -18.94 8.97 7.80
CA PHE B 234 -19.04 7.52 7.84
C PHE B 234 -17.85 6.90 7.10
N GLN B 235 -17.37 5.78 7.61
CA GLN B 235 -16.32 5.01 6.95
C GLN B 235 -16.84 4.47 5.62
N GLY B 236 -16.10 4.68 4.54
CA GLY B 236 -16.55 4.28 3.21
C GLY B 236 -16.75 2.79 3.00
N SER B 237 -15.91 1.98 3.64
CA SER B 237 -15.93 0.53 3.41
C SER B 237 -17.06 -0.18 4.14
N THR B 238 -17.53 0.41 5.23
CA THR B 238 -18.46 -0.25 6.18
C THR B 238 -19.72 0.55 6.48
N GLY B 239 -19.69 1.84 6.19
CA GLY B 239 -20.78 2.73 6.57
C GLY B 239 -20.84 3.00 8.06
N LYS B 240 -19.78 2.64 8.77
CA LYS B 240 -19.72 2.87 10.22
C LYS B 240 -19.53 4.35 10.53
N GLU B 241 -20.28 4.85 11.51
CA GLU B 241 -20.09 6.20 12.02
C GLU B 241 -18.66 6.34 12.54
N LEU B 242 -17.93 7.31 12.00
CA LEU B 242 -16.58 7.62 12.49
C LEU B 242 -16.62 8.77 13.51
N VAL B 243 -17.25 9.87 13.12
CA VAL B 243 -17.43 11.02 14.01
C VAL B 243 -18.77 11.68 13.68
N THR B 244 -19.48 12.09 14.73
CA THR B 244 -20.70 12.87 14.59
C THR B 244 -20.56 14.13 15.42
N ALA B 245 -20.85 15.27 14.79
CA ALA B 245 -20.83 16.56 15.45
C ALA B 245 -22.20 17.21 15.33
N ASN B 246 -22.45 18.26 16.11
CA ASN B 246 -23.61 19.11 15.86
C ASN B 246 -23.51 19.73 14.48
N PHE B 247 -24.63 19.70 13.76
CA PHE B 247 -24.66 20.24 12.40
C PHE B 247 -24.60 21.77 12.41
N GLU B 248 -23.68 22.34 11.63
CA GLU B 248 -23.70 23.75 11.30
C GLU B 248 -23.64 23.88 9.78
N PRO B 249 -24.39 24.85 9.21
CA PRO B 249 -25.21 25.89 9.85
C PRO B 249 -26.35 25.37 10.72
N ALA B 250 -26.39 25.81 11.97
CA ALA B 250 -27.44 25.43 12.90
C ALA B 250 -28.79 26.01 12.48
N ARG B 251 -29.87 25.36 12.90
CA ARG B 251 -31.21 25.79 12.52
C ARG B 251 -31.59 27.18 13.06
N GLY B 252 -31.29 27.44 14.32
CA GLY B 252 -31.82 28.64 14.98
C GLY B 252 -33.34 28.60 14.91
N ASN B 253 -33.95 29.75 14.64
CA ASN B 253 -35.39 29.80 14.44
C ASN B 253 -35.71 29.58 12.97
N VAL B 254 -36.73 28.77 12.70
CA VAL B 254 -37.18 28.54 11.33
C VAL B 254 -37.39 29.88 10.61
N SER B 255 -38.02 30.83 11.30
CA SER B 255 -38.33 32.13 10.70
C SER B 255 -37.10 32.98 10.34
N ASP B 256 -35.95 32.66 10.92
CA ASP B 256 -34.69 33.35 10.58
C ASP B 256 -34.40 33.29 9.08
N TRP B 257 -34.92 32.25 8.44
CA TRP B 257 -34.53 31.91 7.08
C TRP B 257 -35.46 32.48 6.02
N GLY B 258 -36.56 33.09 6.44
CA GLY B 258 -37.44 33.80 5.51
C GLY B 258 -38.87 33.31 5.39
N ASP B 259 -39.19 32.22 6.07
CA ASP B 259 -40.59 31.81 6.22
C ASP B 259 -40.74 31.10 7.55
N SER B 260 -41.99 30.89 7.96
CA SER B 260 -42.30 30.29 9.24
C SER B 260 -42.85 28.88 9.15
N TYR B 261 -42.95 28.32 7.93
CA TYR B 261 -43.54 26.99 7.77
C TYR B 261 -42.53 25.90 7.44
N GLY B 262 -41.27 26.29 7.23
CA GLY B 262 -40.18 25.32 7.10
C GLY B 262 -39.71 25.01 5.69
N ASN B 263 -39.72 26.02 4.83
CA ASN B 263 -39.24 25.85 3.45
C ASN B 263 -37.77 26.29 3.33
N ARG B 264 -37.55 27.59 3.50
CA ARG B 264 -36.24 28.20 3.27
C ARG B 264 -35.15 27.65 4.19
N VAL B 265 -35.53 27.35 5.43
CA VAL B 265 -34.62 26.82 6.44
C VAL B 265 -33.92 25.53 5.99
N ASP B 266 -34.59 24.72 5.18
CA ASP B 266 -34.10 23.40 4.84
C ASP B 266 -33.57 23.31 3.40
N ARG B 267 -32.97 24.41 2.93
CA ARG B 267 -32.40 24.46 1.60
C ARG B 267 -30.90 24.21 1.70
N PHE B 268 -30.50 22.95 1.51
CA PHE B 268 -29.12 22.53 1.73
C PHE B 268 -28.34 22.33 0.43
N LEU B 269 -27.04 22.67 0.48
CA LEU B 269 -26.07 22.29 -0.55
C LEU B 269 -24.85 21.78 0.21
N ALA B 270 -23.91 21.18 -0.52
CA ALA B 270 -22.65 20.72 0.07
C ALA B 270 -21.60 20.58 -1.02
N GLY B 271 -20.35 20.53 -0.63
CA GLY B 271 -19.27 20.37 -1.58
C GLY B 271 -17.98 19.92 -0.94
N ILE B 272 -17.04 19.55 -1.79
CA ILE B 272 -15.64 19.33 -1.42
C ILE B 272 -14.83 20.45 -2.06
N ALA B 273 -13.96 21.10 -1.28
CA ALA B 273 -13.17 22.23 -1.75
C ALA B 273 -11.79 22.18 -1.14
N TYR B 274 -10.77 22.40 -1.96
CA TYR B 274 -9.38 22.41 -1.47
C TYR B 274 -9.05 23.83 -1.01
N LEU B 275 -9.59 24.18 0.16
CA LEU B 275 -9.46 25.53 0.69
C LEU B 275 -8.01 25.88 1.01
N ASP B 276 -7.21 24.89 1.38
CA ASP B 276 -5.78 25.12 1.67
C ASP B 276 -4.87 24.90 0.46
N GLY B 277 -5.46 24.57 -0.68
CA GLY B 277 -4.72 24.40 -1.92
C GLY B 277 -4.05 23.05 -2.11
N GLN B 278 -4.17 22.17 -1.12
CA GLN B 278 -3.46 20.89 -1.16
C GLN B 278 -4.37 19.70 -0.83
N ARG B 279 -5.22 19.88 0.17
CA ARG B 279 -6.05 18.80 0.68
C ARG B 279 -7.52 19.22 0.71
N PRO B 280 -8.43 18.24 0.62
CA PRO B 280 -9.86 18.54 0.62
C PRO B 280 -10.42 19.02 1.97
N SER B 281 -11.40 19.89 1.87
CA SER B 281 -12.26 20.28 2.98
C SER B 281 -13.71 20.02 2.58
N LEU B 282 -14.57 19.96 3.59
CA LEU B 282 -15.99 19.70 3.43
C LEU B 282 -16.78 20.99 3.64
N ILE B 283 -17.66 21.33 2.70
CA ILE B 283 -18.50 22.52 2.80
C ILE B 283 -19.94 22.08 2.98
N MET B 284 -20.59 22.59 4.03
CA MET B 284 -22.03 22.39 4.21
C MET B 284 -22.69 23.76 4.20
N THR B 285 -23.76 23.90 3.42
CA THR B 285 -24.46 25.18 3.33
C THR B 285 -25.93 25.04 3.70
N ARG B 286 -26.53 26.16 4.08
CA ARG B 286 -27.95 26.19 4.43
C ARG B 286 -28.51 27.54 4.02
N GLY B 287 -29.65 27.52 3.34
CA GLY B 287 -30.30 28.74 2.88
C GLY B 287 -29.77 29.22 1.54
N TYR B 288 -30.65 29.86 0.78
CA TYR B 288 -30.22 30.70 -0.34
C TYR B 288 -31.23 31.76 -0.75
N TYR B 289 -32.52 31.54 -0.50
CA TYR B 289 -33.52 32.54 -0.91
C TYR B 289 -33.39 33.85 -0.14
N ALA B 290 -33.01 33.74 1.13
CA ALA B 290 -32.78 34.91 1.97
C ALA B 290 -31.54 34.62 2.79
N LYS B 291 -31.64 34.52 4.12
CA LYS B 291 -30.48 34.18 4.94
C LYS B 291 -29.73 32.97 4.37
N THR B 292 -28.42 33.11 4.30
CA THR B 292 -27.54 32.12 3.69
C THR B 292 -26.33 31.92 4.59
N MET B 293 -26.01 30.66 4.87
CA MET B 293 -24.82 30.32 5.65
C MET B 293 -24.01 29.22 4.97
N LEU B 294 -22.69 29.33 5.09
CA LEU B 294 -21.77 28.30 4.61
C LEU B 294 -20.78 28.01 5.72
N VAL B 295 -20.53 26.73 5.98
CA VAL B 295 -19.54 26.31 6.97
C VAL B 295 -18.55 25.34 6.35
N ALA B 296 -17.26 25.52 6.65
CA ALA B 296 -16.20 24.64 6.17
C ALA B 296 -15.65 23.79 7.29
N TYR B 297 -15.34 22.54 6.98
CA TYR B 297 -14.80 21.58 7.93
C TYR B 297 -13.63 20.83 7.32
N ASN B 298 -12.70 20.39 8.17
CA ASN B 298 -11.79 19.34 7.79
C ASN B 298 -12.12 18.06 8.54
N PHE B 299 -11.87 16.92 7.90
CA PHE B 299 -11.82 15.66 8.60
C PHE B 299 -10.44 15.09 8.36
N ARG B 300 -9.60 15.21 9.38
CA ARG B 300 -8.20 14.82 9.29
C ARG B 300 -7.75 14.31 10.66
N ASP B 301 -6.84 13.33 10.64
CA ASP B 301 -6.29 12.75 11.87
C ASP B 301 -7.40 12.28 12.83
N GLY B 302 -8.45 11.70 12.25
CA GLY B 302 -9.57 11.15 13.02
C GLY B 302 -10.53 12.17 13.61
N LYS B 303 -10.34 13.44 13.29
CA LYS B 303 -11.12 14.52 13.90
C LYS B 303 -11.83 15.39 12.87
N LEU B 304 -13.07 15.74 13.17
CA LEU B 304 -13.82 16.72 12.42
C LEU B 304 -13.62 18.09 13.08
N SER B 305 -13.15 19.07 12.31
CA SER B 305 -12.91 20.42 12.83
C SER B 305 -13.56 21.47 11.93
N LYS B 306 -14.10 22.52 12.53
CA LYS B 306 -14.70 23.61 11.79
C LYS B 306 -13.65 24.66 11.45
N LEU B 307 -13.64 25.13 10.21
CA LEU B 307 -12.63 26.07 9.73
C LEU B 307 -13.14 27.51 9.71
N TRP B 308 -14.35 27.70 9.20
CA TRP B 308 -14.96 29.02 9.13
C TRP B 308 -16.45 28.95 8.86
N THR B 309 -17.12 30.08 9.08
CA THR B 309 -18.52 30.26 8.76
C THR B 309 -18.67 31.57 8.00
N LEU B 310 -19.47 31.56 6.94
CA LEU B 310 -20.00 32.80 6.36
C LEU B 310 -21.49 32.85 6.65
N ASP B 311 -21.94 33.96 7.23
CA ASP B 311 -23.32 34.10 7.68
C ASP B 311 -23.83 35.44 7.18
N SER B 312 -24.80 35.41 6.26
CA SER B 312 -25.32 36.63 5.63
C SER B 312 -26.03 37.55 6.63
N SER B 313 -26.44 36.98 7.76
CA SER B 313 -27.18 37.75 8.78
C SER B 313 -26.25 38.59 9.67
N LYS B 314 -24.94 38.37 9.54
CA LYS B 314 -23.95 39.16 10.26
C LYS B 314 -23.71 40.48 9.54
N SER B 315 -23.51 41.54 10.32
CA SER B 315 -23.29 42.89 9.79
C SER B 315 -22.13 42.91 8.79
N GLY B 316 -22.39 43.49 7.62
CA GLY B 316 -21.41 43.54 6.54
C GLY B 316 -21.57 42.45 5.50
N ASN B 317 -22.36 41.43 5.83
CA ASN B 317 -22.56 40.29 4.93
C ASN B 317 -23.92 40.26 4.22
N GLU B 318 -24.67 41.35 4.32
CA GLU B 318 -26.04 41.44 3.79
C GLU B 318 -26.16 41.14 2.29
N ALA B 319 -25.12 41.48 1.53
CA ALA B 319 -25.12 41.26 0.08
C ALA B 319 -25.11 39.77 -0.29
N PHE B 320 -24.78 38.92 0.67
CA PHE B 320 -24.60 37.49 0.42
C PHE B 320 -25.84 36.68 0.77
N ALA B 321 -26.95 37.38 0.95
CA ALA B 321 -28.27 36.76 1.08
C ALA B 321 -29.00 36.78 -0.26
N GLY B 322 -29.81 35.76 -0.52
CA GLY B 322 -30.71 35.76 -1.67
C GLY B 322 -30.09 35.49 -3.02
N GLN B 323 -28.87 34.94 -3.04
CA GLN B 323 -28.11 34.81 -4.28
C GLN B 323 -27.90 33.38 -4.74
N GLY B 324 -28.08 32.40 -3.85
CA GLY B 324 -27.74 31.03 -4.16
C GLY B 324 -28.68 30.31 -5.11
N ASN B 325 -28.14 29.30 -5.77
CA ASN B 325 -28.88 28.43 -6.68
C ASN B 325 -29.25 27.13 -5.95
N HIS B 326 -30.03 26.27 -6.62
CA HIS B 326 -30.17 24.88 -6.16
C HIS B 326 -28.94 24.03 -6.56
N ASN B 327 -27.76 24.66 -6.59
CA ASN B 327 -26.52 24.01 -6.99
C ASN B 327 -25.40 24.99 -6.71
N LEU B 328 -24.17 24.50 -6.76
CA LEU B 328 -22.99 25.34 -6.60
C LEU B 328 -21.85 24.79 -7.43
N SER B 329 -20.76 25.55 -7.55
CA SER B 329 -19.53 25.06 -8.17
C SER B 329 -18.35 25.38 -7.27
N ILE B 330 -17.26 24.66 -7.50
CA ILE B 330 -16.04 24.80 -6.71
C ILE B 330 -14.86 24.88 -7.68
N ALA B 331 -14.05 25.93 -7.57
CA ALA B 331 -12.92 26.10 -8.48
C ALA B 331 -11.97 27.14 -7.93
N ASP B 332 -10.69 27.00 -8.27
CA ASP B 332 -9.73 28.06 -8.02
C ASP B 332 -9.90 29.12 -9.10
N VAL B 333 -10.60 30.19 -8.74
CA VAL B 333 -10.93 31.23 -9.71
C VAL B 333 -9.92 32.38 -9.76
N ASP B 334 -9.14 32.54 -8.68
CA ASP B 334 -8.25 33.69 -8.58
C ASP B 334 -6.77 33.33 -8.74
N GLY B 335 -6.49 32.04 -8.98
CA GLY B 335 -5.15 31.57 -9.31
C GLY B 335 -4.18 31.41 -8.15
N ASP B 336 -4.69 31.35 -6.92
CA ASP B 336 -3.83 31.14 -5.75
C ASP B 336 -3.67 29.66 -5.36
N GLY B 337 -4.22 28.75 -6.17
CA GLY B 337 -4.15 27.31 -5.89
C GLY B 337 -5.24 26.79 -4.97
N LYS B 338 -5.94 27.71 -4.31
CA LYS B 338 -6.96 27.38 -3.32
C LYS B 338 -8.34 27.54 -3.95
N ASP B 339 -9.26 26.67 -3.57
CA ASP B 339 -10.60 26.70 -4.16
C ASP B 339 -11.51 27.74 -3.55
N GLU B 340 -12.26 28.40 -4.43
CA GLU B 340 -13.34 29.28 -4.06
C GLU B 340 -14.67 28.58 -4.35
N ILE B 341 -15.75 29.16 -3.84
CA ILE B 341 -17.08 28.58 -3.99
C ILE B 341 -17.96 29.53 -4.80
N ILE B 342 -18.48 29.02 -5.92
CA ILE B 342 -19.42 29.77 -6.75
C ILE B 342 -20.82 29.37 -6.29
N PHE B 343 -21.46 30.28 -5.57
CA PHE B 343 -22.72 30.02 -4.90
C PHE B 343 -23.81 30.81 -5.62
N GLY B 344 -24.22 30.31 -6.79
CA GLY B 344 -25.20 31.03 -7.60
C GLY B 344 -24.66 32.37 -8.06
N SER B 345 -25.30 33.46 -7.63
CA SER B 345 -24.95 34.82 -8.05
C SER B 345 -23.85 35.44 -7.20
N MET B 346 -23.36 34.70 -6.21
CA MET B 346 -22.28 35.19 -5.35
C MET B 346 -21.13 34.20 -5.31
N ALA B 347 -20.01 34.64 -4.75
CA ALA B 347 -18.84 33.79 -4.57
C ALA B 347 -18.25 34.01 -3.20
N VAL B 348 -17.66 32.94 -2.67
CA VAL B 348 -17.07 32.92 -1.33
C VAL B 348 -15.62 32.46 -1.46
N ASP B 349 -14.71 33.19 -0.81
CA ASP B 349 -13.29 32.91 -0.91
C ASP B 349 -12.92 31.69 -0.08
N HIS B 350 -11.68 31.23 -0.24
CA HIS B 350 -11.19 30.02 0.41
C HIS B 350 -11.15 30.14 1.94
N ASP B 351 -11.18 31.39 2.43
CA ASP B 351 -11.14 31.67 3.87
C ASP B 351 -12.51 32.03 4.44
N GLY B 352 -13.54 31.86 3.62
CA GLY B 352 -14.90 32.10 4.06
C GLY B 352 -15.43 33.50 3.86
N LYS B 353 -14.60 34.39 3.34
CA LYS B 353 -15.01 35.77 3.11
C LYS B 353 -15.83 35.88 1.83
N GLY B 354 -16.93 36.63 1.89
CA GLY B 354 -17.72 36.90 0.70
C GLY B 354 -16.90 37.71 -0.28
N MET B 355 -16.89 37.29 -1.54
CA MET B 355 -16.09 37.95 -2.57
C MET B 355 -16.89 39.00 -3.32
N TYR B 356 -18.03 38.59 -3.86
CA TYR B 356 -18.89 39.47 -4.63
C TYR B 356 -20.29 38.88 -4.70
N SER B 357 -21.24 39.73 -5.06
CA SER B 357 -22.58 39.31 -5.45
C SER B 357 -22.98 40.10 -6.69
N THR B 358 -23.48 39.42 -7.71
CA THR B 358 -23.98 40.11 -8.89
C THR B 358 -25.32 40.77 -8.62
N GLY B 359 -25.98 40.34 -7.53
CA GLY B 359 -27.31 40.84 -7.20
C GLY B 359 -28.43 40.29 -8.05
N LEU B 360 -28.14 39.37 -8.97
CA LEU B 360 -29.16 38.86 -9.87
C LEU B 360 -30.03 37.78 -9.22
N GLY B 361 -29.64 37.34 -8.03
CA GLY B 361 -30.49 36.44 -7.27
C GLY B 361 -30.46 34.99 -7.70
N HIS B 362 -31.36 34.23 -7.07
CA HIS B 362 -31.47 32.79 -7.19
C HIS B 362 -31.73 32.29 -8.60
N GLY B 363 -31.12 31.17 -8.96
CA GLY B 363 -31.43 30.47 -10.19
C GLY B 363 -31.31 28.97 -10.07
N ASP B 364 -31.56 28.28 -11.17
CA ASP B 364 -31.70 26.82 -11.14
C ASP B 364 -30.60 26.06 -11.85
N ALA B 365 -29.76 26.73 -12.61
CA ALA B 365 -28.66 26.09 -13.31
C ALA B 365 -27.43 26.98 -13.30
N LEU B 366 -26.27 26.36 -13.40
CA LEU B 366 -25.00 27.03 -13.11
C LEU B 366 -23.87 26.26 -13.78
N HIS B 367 -22.96 26.98 -14.45
CA HIS B 367 -21.82 26.39 -15.13
C HIS B 367 -20.58 27.20 -14.89
N THR B 368 -19.61 26.58 -14.23
CA THR B 368 -18.31 27.23 -13.96
C THR B 368 -17.22 26.43 -14.64
N GLY B 369 -16.51 27.07 -15.56
CA GLY B 369 -15.42 26.41 -16.25
C GLY B 369 -14.67 27.42 -17.07
N ASP B 370 -13.79 26.95 -17.95
CA ASP B 370 -13.18 27.87 -18.91
C ASP B 370 -14.09 27.95 -20.12
N LEU B 371 -15.04 28.86 -20.06
CA LEU B 371 -16.07 28.99 -21.09
C LEU B 371 -15.55 29.85 -22.24
N ASP B 372 -14.78 30.88 -21.91
CA ASP B 372 -14.15 31.74 -22.90
C ASP B 372 -12.64 31.59 -22.76
N PRO B 373 -12.03 30.71 -23.57
CA PRO B 373 -10.59 30.47 -23.45
C PRO B 373 -9.74 31.65 -23.93
N GLY B 374 -10.36 32.64 -24.57
CA GLY B 374 -9.65 33.85 -25.00
C GLY B 374 -9.61 34.93 -23.91
N ARG B 375 -10.29 34.67 -22.81
CA ARG B 375 -10.31 35.59 -21.69
C ARG B 375 -9.67 34.90 -20.49
N PRO B 376 -8.54 35.43 -19.98
CA PRO B 376 -7.89 34.78 -18.84
C PRO B 376 -8.82 34.60 -17.66
N GLY B 377 -8.74 33.44 -17.02
CA GLY B 377 -9.58 33.10 -15.88
C GLY B 377 -10.76 32.22 -16.26
N LEU B 378 -11.56 31.89 -15.25
CA LEU B 378 -12.77 31.10 -15.47
C LEU B 378 -13.96 32.02 -15.61
N GLU B 379 -15.05 31.47 -16.14
CA GLU B 379 -16.28 32.19 -16.36
C GLU B 379 -17.43 31.38 -15.78
N VAL B 380 -18.52 32.08 -15.45
CA VAL B 380 -19.70 31.45 -14.88
C VAL B 380 -20.89 31.85 -15.71
N PHE B 381 -21.59 30.83 -16.24
CA PHE B 381 -22.85 31.03 -16.92
C PHE B 381 -23.97 30.60 -15.98
N GLN B 382 -24.96 31.46 -15.83
CA GLN B 382 -26.00 31.23 -14.84
C GLN B 382 -27.33 31.71 -15.40
N VAL B 383 -28.41 31.04 -15.00
CA VAL B 383 -29.76 31.52 -15.28
C VAL B 383 -30.44 31.95 -13.99
N HIS B 384 -31.50 32.74 -14.13
CA HIS B 384 -32.11 33.42 -12.99
C HIS B 384 -33.62 33.27 -12.97
N GLU B 385 -34.15 33.13 -11.76
CA GLU B 385 -35.55 32.79 -11.54
C GLU B 385 -36.46 34.01 -11.45
N ASP B 386 -35.91 35.13 -11.01
CA ASP B 386 -36.69 36.34 -10.79
C ASP B 386 -37.05 36.98 -12.13
N LYS B 387 -38.35 37.02 -12.44
CA LYS B 387 -38.85 37.60 -13.69
C LYS B 387 -38.53 39.10 -13.81
N ASN B 388 -38.23 39.73 -12.68
CA ASN B 388 -37.90 41.15 -12.64
C ASN B 388 -36.39 41.43 -12.67
N ALA B 389 -35.58 40.37 -12.76
CA ALA B 389 -34.14 40.55 -12.82
C ALA B 389 -33.73 41.26 -14.11
N LYS B 390 -32.68 42.06 -14.02
CA LYS B 390 -32.11 42.76 -15.19
C LYS B 390 -31.81 41.76 -16.30
N TYR B 391 -31.29 40.60 -15.91
CA TYR B 391 -30.93 39.54 -16.84
C TYR B 391 -31.51 38.21 -16.39
N GLY B 392 -32.03 37.43 -17.33
CA GLY B 392 -32.43 36.05 -17.08
C GLY B 392 -31.28 35.09 -17.30
N LEU B 393 -30.28 35.51 -18.06
CA LEU B 393 -29.02 34.78 -18.20
C LEU B 393 -27.85 35.73 -18.03
N SER B 394 -26.86 35.27 -17.26
CA SER B 394 -25.66 36.08 -17.03
C SER B 394 -24.40 35.27 -17.30
N PHE B 395 -23.41 35.93 -17.87
CA PHE B 395 -22.13 35.34 -18.20
C PHE B 395 -21.08 36.28 -17.61
N ARG B 396 -20.33 35.78 -16.65
CA ARG B 396 -19.49 36.64 -15.81
C ARG B 396 -18.09 36.12 -15.60
N ASP B 397 -17.20 37.05 -15.23
CA ASP B 397 -15.87 36.74 -14.73
C ASP B 397 -16.04 36.01 -13.39
N ALA B 398 -15.51 34.80 -13.29
CA ALA B 398 -15.71 33.96 -12.10
C ALA B 398 -15.08 34.56 -10.85
N ALA B 399 -13.96 35.25 -11.01
CA ALA B 399 -13.19 35.78 -9.89
C ALA B 399 -13.71 37.14 -9.40
N THR B 400 -14.07 38.03 -10.32
CA THR B 400 -14.47 39.38 -9.91
C THR B 400 -15.98 39.58 -9.87
N GLY B 401 -16.70 38.72 -10.58
CA GLY B 401 -18.15 38.85 -10.68
C GLY B 401 -18.65 39.81 -11.74
N LYS B 402 -17.73 40.45 -12.45
CA LYS B 402 -18.09 41.40 -13.51
C LYS B 402 -18.94 40.68 -14.56
N ILE B 403 -20.11 41.25 -14.85
CA ILE B 403 -20.96 40.71 -15.91
C ILE B 403 -20.32 41.06 -17.24
N LEU B 404 -19.96 40.03 -18.00
CA LEU B 404 -19.37 40.23 -19.31
C LEU B 404 -20.46 40.50 -20.33
N TRP B 405 -21.55 39.72 -20.21
CA TRP B 405 -22.76 39.99 -20.97
C TRP B 405 -23.93 39.30 -20.28
N GLY B 406 -25.14 39.77 -20.56
CA GLY B 406 -26.35 39.16 -20.04
C GLY B 406 -27.49 39.41 -21.00
N VAL B 407 -28.58 38.68 -20.81
CA VAL B 407 -29.77 38.84 -21.66
C VAL B 407 -31.00 38.93 -20.78
N TYR B 408 -31.77 40.01 -20.95
CA TYR B 408 -33.05 40.16 -20.28
C TYR B 408 -34.02 39.08 -20.74
N ALA B 409 -34.78 38.52 -19.81
CA ALA B 409 -35.81 37.54 -20.16
C ALA B 409 -37.21 37.99 -19.76
N GLY B 410 -37.32 38.67 -18.63
CA GLY B 410 -38.63 39.11 -18.12
C GLY B 410 -39.50 37.95 -17.66
N LYS B 411 -38.85 36.82 -17.38
CA LYS B 411 -39.51 35.61 -16.91
C LYS B 411 -38.49 34.72 -16.22
N ASP B 412 -38.98 33.76 -15.46
CA ASP B 412 -38.18 32.69 -14.87
C ASP B 412 -37.48 31.90 -15.98
N VAL B 413 -36.15 31.88 -15.98
CA VAL B 413 -35.39 31.05 -16.89
C VAL B 413 -34.83 29.87 -16.11
N GLY B 414 -35.48 28.72 -16.23
CA GLY B 414 -35.20 27.59 -15.35
C GLY B 414 -34.08 26.67 -15.74
N ARG B 415 -33.59 26.78 -16.98
CA ARG B 415 -32.53 25.91 -17.48
C ARG B 415 -31.51 26.72 -18.26
N GLY B 416 -30.26 26.30 -18.18
CA GLY B 416 -29.21 26.92 -18.96
C GLY B 416 -28.08 25.90 -19.10
N MET B 417 -27.45 25.87 -20.27
CA MET B 417 -26.34 24.95 -20.53
C MET B 417 -25.11 25.67 -21.05
N ALA B 418 -23.96 25.03 -20.83
CA ALA B 418 -22.70 25.50 -21.38
C ALA B 418 -21.93 24.29 -21.90
N ALA B 419 -21.51 24.37 -23.16
CA ALA B 419 -20.75 23.29 -23.81
C ALA B 419 -20.22 23.80 -25.13
N ASP B 420 -19.01 23.34 -25.49
CA ASP B 420 -18.49 23.60 -26.83
C ASP B 420 -19.20 22.67 -27.81
N ILE B 421 -20.20 23.21 -28.51
CA ILE B 421 -20.98 22.43 -29.48
C ILE B 421 -20.76 22.92 -30.92
N ASP B 422 -20.08 24.05 -31.06
CA ASP B 422 -19.91 24.69 -32.36
C ASP B 422 -18.47 25.17 -32.49
N PRO B 423 -17.67 24.50 -33.35
CA PRO B 423 -16.25 24.83 -33.48
C PRO B 423 -16.00 26.15 -34.21
N ARG B 424 -17.05 26.72 -34.81
CA ARG B 424 -16.90 28.00 -35.52
C ARG B 424 -16.79 29.19 -34.58
N TYR B 425 -17.19 29.01 -33.32
CA TYR B 425 -17.07 30.06 -32.31
C TYR B 425 -16.15 29.54 -31.23
N PRO B 426 -14.99 30.19 -31.02
CA PRO B 426 -14.06 29.66 -30.02
C PRO B 426 -14.70 29.57 -28.64
N GLY B 427 -14.38 28.53 -27.90
CA GLY B 427 -14.88 28.37 -26.55
C GLY B 427 -16.20 27.64 -26.45
N GLN B 428 -16.76 27.68 -25.25
CA GLN B 428 -18.03 27.02 -24.98
C GLN B 428 -19.19 27.92 -25.34
N GLU B 429 -20.13 27.38 -26.12
CA GLU B 429 -21.41 28.02 -26.33
C GLU B 429 -22.26 27.87 -25.08
N VAL B 430 -23.26 28.73 -24.94
CA VAL B 430 -24.20 28.64 -23.83
C VAL B 430 -25.59 28.81 -24.41
N TRP B 431 -26.59 28.22 -23.75
CA TRP B 431 -27.95 28.41 -24.21
C TRP B 431 -28.93 28.40 -23.07
N ALA B 432 -29.98 29.21 -23.25
CA ALA B 432 -31.06 29.33 -22.29
C ALA B 432 -32.18 30.14 -22.93
N ASN B 433 -33.40 29.90 -22.45
CA ASN B 433 -34.58 30.66 -22.88
C ASN B 433 -34.78 30.68 -24.40
N GLY B 434 -34.41 29.57 -25.05
CA GLY B 434 -34.67 29.39 -26.47
C GLY B 434 -33.67 29.99 -27.45
N SER B 435 -32.56 30.53 -26.93
CA SER B 435 -31.48 31.01 -27.80
C SER B 435 -30.12 30.42 -27.43
N LEU B 436 -29.31 30.21 -28.45
CA LEU B 436 -27.93 29.73 -28.35
C LEU B 436 -26.98 30.88 -28.58
N TYR B 437 -25.94 30.98 -27.75
CA TYR B 437 -24.99 32.08 -27.82
C TYR B 437 -23.56 31.58 -27.85
N SER B 438 -22.69 32.36 -28.48
CA SER B 438 -21.25 32.16 -28.33
C SER B 438 -20.85 32.61 -26.92
N ALA B 439 -19.61 32.29 -26.55
CA ALA B 439 -19.06 32.72 -25.28
C ALA B 439 -18.99 34.24 -25.16
N LYS B 440 -19.09 34.94 -26.29
CA LYS B 440 -19.10 36.41 -26.33
C LYS B 440 -20.50 37.00 -26.28
N GLY B 441 -21.53 36.15 -26.26
CA GLY B 441 -22.91 36.63 -26.19
C GLY B 441 -23.58 36.91 -27.52
N VAL B 442 -22.97 36.42 -28.60
CA VAL B 442 -23.54 36.56 -29.93
C VAL B 442 -24.50 35.42 -30.17
N LYS B 443 -25.75 35.74 -30.51
CA LYS B 443 -26.75 34.72 -30.81
C LYS B 443 -26.38 33.97 -32.09
N ILE B 444 -26.37 32.64 -32.00
CA ILE B 444 -26.00 31.79 -33.12
C ILE B 444 -27.27 31.19 -33.70
N GLY B 445 -27.56 31.51 -34.97
CA GLY B 445 -28.74 30.98 -35.64
C GLY B 445 -30.03 31.31 -34.94
N SER B 446 -31.01 30.42 -35.02
CA SER B 446 -32.33 30.70 -34.45
C SER B 446 -32.85 29.63 -33.48
N GLY B 447 -32.21 28.47 -33.45
CA GLY B 447 -32.66 27.38 -32.57
C GLY B 447 -31.78 27.18 -31.34
N VAL B 448 -32.13 26.19 -30.54
CA VAL B 448 -31.29 25.68 -29.46
C VAL B 448 -31.23 24.17 -29.55
N PRO B 449 -30.20 23.56 -28.94
CA PRO B 449 -30.24 22.12 -28.73
C PRO B 449 -31.54 21.66 -28.06
N SER B 450 -31.95 20.44 -28.36
CA SER B 450 -33.25 19.93 -27.91
C SER B 450 -33.31 19.64 -26.41
N SER B 451 -32.17 19.73 -25.73
CA SER B 451 -32.14 19.60 -24.27
C SER B 451 -31.31 20.72 -23.67
N THR B 452 -31.59 21.05 -22.42
CA THR B 452 -30.85 22.04 -21.65
C THR B 452 -30.65 21.47 -20.25
N ASN B 453 -29.85 20.42 -20.18
CA ASN B 453 -29.70 19.64 -18.96
C ASN B 453 -28.23 19.34 -18.70
N PHE B 454 -27.69 18.27 -19.27
CA PHE B 454 -26.29 17.90 -19.11
C PHE B 454 -25.55 18.04 -20.44
N GLY B 455 -24.24 18.29 -20.34
CA GLY B 455 -23.33 18.07 -21.47
C GLY B 455 -22.46 16.89 -21.12
N ILE B 456 -22.13 16.09 -22.13
CA ILE B 456 -21.33 14.87 -21.94
C ILE B 456 -20.33 14.68 -23.06
N TRP B 457 -19.09 14.33 -22.72
CA TRP B 457 -18.13 13.90 -23.75
C TRP B 457 -18.36 12.43 -24.05
N TRP B 458 -18.98 12.13 -25.21
CA TRP B 458 -19.41 10.78 -25.55
C TRP B 458 -18.76 10.23 -26.82
N ASP B 459 -18.76 11.01 -27.89
CA ASP B 459 -18.18 10.55 -29.15
C ASP B 459 -16.67 10.81 -29.18
N GLY B 460 -16.07 10.72 -30.37
CA GLY B 460 -14.63 10.82 -30.48
C GLY B 460 -14.08 12.23 -30.66
N ASP B 461 -14.95 13.21 -30.91
CA ASP B 461 -14.44 14.57 -31.13
C ASP B 461 -14.41 15.37 -29.83
N LEU B 462 -13.71 16.50 -29.86
CA LEU B 462 -13.50 17.33 -28.68
C LEU B 462 -14.68 18.22 -28.35
N LEU B 463 -15.67 18.29 -29.23
CA LEU B 463 -16.92 18.97 -28.91
C LEU B 463 -17.65 18.16 -27.84
N ARG B 464 -18.57 18.79 -27.13
CA ARG B 464 -19.31 18.09 -26.09
C ARG B 464 -20.72 17.79 -26.59
N GLU B 465 -21.18 16.58 -26.31
CA GLU B 465 -22.52 16.12 -26.67
C GLU B 465 -23.51 16.49 -25.56
N GLN B 466 -24.79 16.20 -25.74
CA GLN B 466 -25.82 16.56 -24.77
C GLN B 466 -26.46 15.32 -24.19
N LEU B 467 -26.83 15.40 -22.91
CA LEU B 467 -27.51 14.30 -22.24
C LEU B 467 -28.77 14.80 -21.56
N ASP B 468 -29.85 14.05 -21.72
CA ASP B 468 -31.12 14.35 -21.08
C ASP B 468 -31.92 13.06 -21.04
N SER B 469 -32.63 12.83 -19.94
CA SER B 469 -33.42 11.62 -19.79
C SER B 469 -32.51 10.40 -20.04
N ASN B 470 -32.96 9.43 -20.84
CA ASN B 470 -32.12 8.29 -21.19
C ASN B 470 -31.47 8.43 -22.57
N ARG B 471 -31.15 9.67 -22.95
CA ARG B 471 -30.66 9.97 -24.29
C ARG B 471 -29.36 10.73 -24.30
N ILE B 472 -28.50 10.42 -25.27
CA ILE B 472 -27.37 11.27 -25.61
C ILE B 472 -27.59 11.78 -27.04
N ASP B 473 -27.51 13.09 -27.22
CA ASP B 473 -27.72 13.73 -28.52
C ASP B 473 -26.47 14.46 -28.98
N LYS B 474 -26.42 14.74 -30.29
CA LYS B 474 -25.32 15.48 -30.91
C LYS B 474 -25.89 16.68 -31.66
N TRP B 475 -25.29 17.84 -31.46
CA TRP B 475 -25.70 19.06 -32.14
C TRP B 475 -25.04 19.16 -33.50
N ASP B 476 -25.85 19.25 -34.54
CA ASP B 476 -25.38 19.60 -35.88
C ASP B 476 -25.29 21.12 -35.89
N TYR B 477 -24.07 21.63 -35.74
CA TYR B 477 -23.88 23.07 -35.60
C TYR B 477 -24.13 23.82 -36.90
N GLN B 478 -23.81 23.20 -38.03
CA GLN B 478 -23.99 23.85 -39.33
C GLN B 478 -25.48 24.08 -39.61
N ASN B 479 -26.31 23.10 -39.25
CA ASN B 479 -27.72 23.15 -39.55
C ASN B 479 -28.63 23.53 -38.39
N GLY B 480 -28.05 23.60 -37.19
CA GLY B 480 -28.78 24.06 -36.01
C GLY B 480 -29.87 23.10 -35.56
N VAL B 481 -29.53 21.81 -35.51
CA VAL B 481 -30.47 20.79 -35.09
C VAL B 481 -29.80 19.69 -34.28
N SER B 482 -30.53 19.15 -33.30
CA SER B 482 -30.07 18.03 -32.49
C SER B 482 -30.46 16.71 -33.13
N LYS B 483 -29.56 15.74 -33.05
CA LYS B 483 -29.80 14.38 -33.53
C LYS B 483 -29.44 13.39 -32.45
N ASN B 484 -30.26 12.37 -32.27
CA ASN B 484 -30.00 11.38 -31.24
C ASN B 484 -28.81 10.48 -31.59
N MET B 485 -27.99 10.19 -30.58
CA MET B 485 -26.78 9.37 -30.69
C MET B 485 -26.96 8.05 -29.94
N LEU B 486 -27.62 8.13 -28.79
CA LEU B 486 -27.92 6.95 -27.97
C LEU B 486 -29.27 7.13 -27.30
N THR B 487 -30.09 6.08 -27.35
CA THR B 487 -31.26 5.98 -26.48
C THR B 487 -31.07 4.69 -25.69
N ALA B 488 -30.95 4.81 -24.38
CA ALA B 488 -30.70 3.64 -23.53
C ALA B 488 -32.02 2.96 -23.21
N SER B 489 -32.46 2.09 -24.11
CA SER B 489 -33.70 1.35 -23.94
C SER B 489 -33.67 0.51 -22.66
N GLY B 490 -34.71 0.64 -21.84
CA GLY B 490 -34.78 -0.10 -20.59
C GLY B 490 -34.16 0.64 -19.40
N ALA B 491 -33.48 1.74 -19.70
CA ALA B 491 -32.90 2.60 -18.66
C ALA B 491 -33.79 3.81 -18.44
N ALA B 492 -33.74 4.36 -17.23
CA ALA B 492 -34.57 5.51 -16.89
C ALA B 492 -33.75 6.57 -16.18
N ALA B 493 -34.12 7.82 -16.39
CA ALA B 493 -33.55 8.94 -15.65
C ALA B 493 -34.37 9.18 -14.39
N ASN B 494 -33.91 10.12 -13.58
CA ASN B 494 -34.46 10.36 -12.24
C ASN B 494 -34.97 11.79 -12.10
N ASN B 495 -35.66 12.02 -10.97
CA ASN B 495 -36.00 13.35 -10.51
C ASN B 495 -37.00 14.09 -11.38
N GLY B 496 -38.00 13.33 -11.85
CA GLY B 496 -39.13 13.92 -12.56
C GLY B 496 -38.70 14.72 -13.77
N THR B 497 -39.12 15.99 -13.81
CA THR B 497 -38.81 16.85 -14.96
C THR B 497 -37.32 17.15 -15.12
N LYS B 498 -36.54 16.97 -14.05
CA LYS B 498 -35.10 17.20 -14.14
C LYS B 498 -34.43 16.14 -15.01
N ALA B 499 -35.00 14.94 -15.02
CA ALA B 499 -34.55 13.85 -15.91
C ALA B 499 -33.04 13.64 -15.92
N THR B 500 -32.48 13.44 -14.73
CA THR B 500 -31.05 13.31 -14.55
C THR B 500 -30.59 11.85 -14.48
N PRO B 501 -29.35 11.56 -14.93
CA PRO B 501 -28.86 10.21 -14.77
C PRO B 501 -28.51 9.98 -13.30
N THR B 502 -28.50 8.74 -12.87
CA THR B 502 -27.97 8.42 -11.55
C THR B 502 -26.57 9.03 -11.37
N LEU B 503 -25.72 8.93 -12.39
CA LEU B 503 -24.42 9.59 -12.37
C LEU B 503 -23.85 9.69 -13.78
N GLN B 504 -23.22 10.82 -14.08
CA GLN B 504 -22.37 10.92 -15.29
C GLN B 504 -20.97 11.25 -14.81
N ALA B 505 -20.00 10.43 -15.21
CA ALA B 505 -18.62 10.63 -14.79
C ALA B 505 -17.69 9.77 -15.63
N ASP B 506 -16.48 10.27 -15.87
CA ASP B 506 -15.43 9.41 -16.41
C ASP B 506 -14.94 8.45 -15.31
N LEU B 507 -15.59 7.29 -15.23
CA LEU B 507 -15.33 6.30 -14.16
C LEU B 507 -14.46 5.12 -14.58
N LEU B 508 -14.39 4.89 -15.90
CA LEU B 508 -13.68 3.74 -16.45
C LEU B 508 -13.19 4.10 -17.85
N GLY B 509 -12.20 3.37 -18.35
CA GLY B 509 -11.74 3.55 -19.74
C GLY B 509 -11.10 4.90 -19.98
N ASP B 510 -11.17 5.36 -21.22
CA ASP B 510 -10.51 6.61 -21.60
C ASP B 510 -11.32 7.84 -21.18
N TRP B 511 -10.92 9.00 -21.66
CA TRP B 511 -11.41 10.29 -21.15
C TRP B 511 -12.90 10.56 -21.33
N ARG B 512 -13.57 9.83 -22.22
CA ARG B 512 -15.02 10.05 -22.39
C ARG B 512 -15.77 9.68 -21.12
N GLU B 513 -16.94 10.29 -20.94
CA GLU B 513 -17.68 10.09 -19.70
C GLU B 513 -18.63 8.91 -19.81
N GLU B 514 -18.69 8.12 -18.74
CA GLU B 514 -19.67 7.05 -18.59
C GLU B 514 -20.98 7.62 -18.07
N VAL B 515 -22.07 6.92 -18.32
CA VAL B 515 -23.38 7.25 -17.75
C VAL B 515 -23.86 6.06 -16.94
N VAL B 516 -24.33 6.36 -15.74
CA VAL B 516 -24.99 5.38 -14.89
C VAL B 516 -26.48 5.72 -14.83
N TRP B 517 -27.31 4.85 -15.40
CA TRP B 517 -28.77 4.98 -15.34
C TRP B 517 -29.33 3.77 -14.62
N ARG B 518 -30.40 3.96 -13.86
CA ARG B 518 -31.12 2.83 -13.28
C ARG B 518 -31.97 2.16 -14.36
N THR B 519 -32.31 0.89 -14.13
CA THR B 519 -33.36 0.27 -14.91
C THR B 519 -34.70 0.83 -14.45
N GLU B 520 -35.75 0.65 -15.24
CA GLU B 520 -37.05 1.18 -14.88
C GLU B 520 -37.53 0.71 -13.51
N ASP B 521 -37.27 -0.54 -13.18
CA ASP B 521 -37.73 -1.09 -11.89
C ASP B 521 -36.73 -0.98 -10.75
N SER B 522 -35.59 -0.32 -11.02
CA SER B 522 -34.51 -0.15 -10.03
C SER B 522 -33.92 -1.47 -9.50
N SER B 523 -33.97 -2.52 -10.31
CA SER B 523 -33.32 -3.77 -9.96
C SER B 523 -31.82 -3.74 -10.23
N ALA B 524 -31.38 -2.76 -11.02
CA ALA B 524 -29.97 -2.63 -11.38
C ALA B 524 -29.62 -1.22 -11.79
N LEU B 525 -28.33 -0.92 -11.72
CA LEU B 525 -27.77 0.25 -12.40
C LEU B 525 -27.07 -0.26 -13.65
N ARG B 526 -27.14 0.52 -14.71
CA ARG B 526 -26.39 0.20 -15.93
C ARG B 526 -25.34 1.27 -16.18
N ILE B 527 -24.10 0.85 -16.32
CA ILE B 527 -23.00 1.75 -16.66
C ILE B 527 -22.72 1.64 -18.16
N TYR B 528 -23.00 2.72 -18.88
CA TYR B 528 -22.71 2.79 -20.31
C TYR B 528 -21.36 3.47 -20.52
N THR B 529 -20.51 2.84 -21.33
CA THR B 529 -19.22 3.41 -21.73
C THR B 529 -19.20 3.46 -23.25
N THR B 530 -18.61 4.51 -23.81
CA THR B 530 -18.61 4.68 -25.26
C THR B 530 -17.72 3.66 -25.95
N THR B 531 -18.13 3.25 -27.15
CA THR B 531 -17.29 2.43 -28.01
C THR B 531 -16.98 3.17 -29.31
N ILE B 532 -17.18 4.48 -29.32
CA ILE B 532 -16.84 5.30 -30.47
C ILE B 532 -15.34 5.60 -30.39
N PRO B 533 -14.56 5.18 -31.39
CA PRO B 533 -13.12 5.45 -31.34
C PRO B 533 -12.78 6.94 -31.34
N THR B 534 -11.66 7.28 -30.72
CA THR B 534 -11.15 8.65 -30.73
C THR B 534 -9.66 8.68 -31.05
N GLU B 535 -9.24 9.77 -31.69
CA GLU B 535 -7.83 10.02 -31.94
C GLU B 535 -7.19 10.72 -30.75
N HIS B 536 -8.02 11.13 -29.78
CA HIS B 536 -7.55 11.95 -28.68
C HIS B 536 -7.27 11.19 -27.39
N ARG B 537 -6.12 11.50 -26.80
CA ARG B 537 -5.77 11.05 -25.47
C ARG B 537 -5.80 12.25 -24.53
N LEU B 538 -6.56 12.13 -23.44
CA LEU B 538 -6.58 13.15 -22.39
C LEU B 538 -6.44 12.46 -21.05
N TYR B 539 -5.88 13.16 -20.08
CA TYR B 539 -5.81 12.66 -18.70
C TYR B 539 -7.21 12.32 -18.22
N THR B 540 -7.33 11.22 -17.48
CA THR B 540 -8.62 10.85 -16.90
C THR B 540 -9.21 12.06 -16.19
N LEU B 541 -10.50 12.29 -16.41
CA LEU B 541 -11.11 13.55 -15.98
C LEU B 541 -11.15 13.64 -14.45
N MET B 542 -11.11 12.50 -13.79
CA MET B 542 -11.10 12.45 -12.34
C MET B 542 -9.79 12.93 -11.73
N HIS B 543 -8.79 13.18 -12.59
CA HIS B 543 -7.55 13.79 -12.15
C HIS B 543 -7.48 15.28 -12.46
N ASP B 544 -8.61 15.85 -12.92
CA ASP B 544 -8.73 17.29 -13.04
C ASP B 544 -9.39 17.83 -11.78
N PRO B 545 -8.81 18.88 -11.16
CA PRO B 545 -9.42 19.39 -9.91
C PRO B 545 -10.90 19.75 -10.05
N VAL B 546 -11.24 20.59 -11.02
CA VAL B 546 -12.62 21.06 -11.11
C VAL B 546 -13.60 19.94 -11.48
N TYR B 547 -13.20 19.08 -12.40
CA TYR B 547 -14.06 17.97 -12.79
C TYR B 547 -14.31 17.01 -11.60
N ARG B 548 -13.25 16.60 -10.93
CA ARG B 548 -13.39 15.67 -9.82
C ARG B 548 -14.32 16.23 -8.75
N LEU B 549 -14.18 17.52 -8.46
CA LEU B 549 -15.04 18.17 -7.47
C LEU B 549 -16.48 18.26 -7.97
N GLY B 550 -16.66 18.43 -9.28
CA GLY B 550 -17.99 18.42 -9.88
C GLY B 550 -18.68 17.08 -9.71
N ILE B 551 -17.92 15.98 -9.76
CA ILE B 551 -18.53 14.68 -9.56
C ILE B 551 -18.99 14.56 -8.11
N ALA B 552 -18.20 15.07 -7.18
CA ALA B 552 -18.60 15.08 -5.78
C ALA B 552 -19.92 15.84 -5.54
N TRP B 553 -20.11 16.98 -6.19
CA TRP B 553 -21.37 17.72 -5.99
C TRP B 553 -22.47 17.40 -7.00
N GLN B 554 -22.25 16.47 -7.93
CA GLN B 554 -23.27 16.19 -8.93
C GLN B 554 -24.63 15.89 -8.32
N ASN B 555 -24.64 15.11 -7.24
CA ASN B 555 -25.93 14.74 -6.64
C ASN B 555 -26.69 15.90 -6.03
N ILE B 556 -26.00 16.97 -5.66
CA ILE B 556 -26.66 17.94 -4.78
C ILE B 556 -27.81 18.65 -5.44
N ALA B 557 -28.90 18.75 -4.67
CA ALA B 557 -30.12 19.44 -5.06
C ALA B 557 -30.42 19.21 -6.54
N TYR B 558 -30.48 20.26 -7.34
CA TYR B 558 -30.74 20.07 -8.78
C TYR B 558 -29.43 19.81 -9.51
N ASN B 559 -29.14 18.53 -9.68
CA ASN B 559 -27.89 18.03 -10.26
C ASN B 559 -27.49 18.81 -11.50
N GLN B 560 -26.23 19.23 -11.54
CA GLN B 560 -25.63 19.94 -12.67
C GLN B 560 -24.48 19.11 -13.24
N PRO B 561 -24.21 19.25 -14.55
CA PRO B 561 -23.10 18.52 -15.16
C PRO B 561 -21.73 19.06 -14.75
N PRO B 562 -20.70 18.19 -14.83
CA PRO B 562 -19.35 18.58 -14.43
C PRO B 562 -18.60 19.31 -15.55
N HIS B 563 -17.61 20.09 -15.14
CA HIS B 563 -16.75 20.83 -16.05
C HIS B 563 -15.30 20.63 -15.68
N THR B 564 -14.41 20.85 -16.65
CA THR B 564 -12.98 20.77 -16.41
C THR B 564 -12.42 22.14 -16.05
N SER B 565 -11.26 22.13 -15.38
CA SER B 565 -10.61 23.37 -14.97
C SER B 565 -9.99 24.11 -16.16
N PHE B 566 -9.76 23.36 -17.24
CA PHE B 566 -9.17 23.89 -18.46
C PHE B 566 -10.20 23.81 -19.58
N PHE B 567 -9.97 24.54 -20.66
CA PHE B 567 -10.83 24.44 -21.82
C PHE B 567 -10.58 23.12 -22.55
N LEU B 568 -11.58 22.24 -22.49
CA LEU B 568 -11.58 20.99 -23.23
C LEU B 568 -12.57 21.18 -24.36
N GLY B 569 -12.06 21.27 -25.58
CA GLY B 569 -12.92 21.57 -26.71
C GLY B 569 -12.13 21.77 -27.98
N ASP B 570 -12.83 22.12 -29.04
CA ASP B 570 -12.17 22.31 -30.33
C ASP B 570 -11.22 23.49 -30.23
N GLY B 571 -10.00 23.29 -30.72
CA GLY B 571 -8.97 24.32 -30.68
C GLY B 571 -8.24 24.46 -29.34
N MET B 572 -8.45 23.48 -28.45
CA MET B 572 -7.81 23.53 -27.13
C MET B 572 -6.29 23.39 -27.23
N ALA B 573 -5.62 23.98 -26.24
CA ALA B 573 -4.18 23.82 -26.07
C ALA B 573 -3.88 22.44 -25.49
N GLU B 574 -2.64 21.99 -25.67
CA GLU B 574 -2.18 20.74 -25.09
C GLU B 574 -2.25 20.77 -23.56
N GLN B 575 -2.68 19.64 -23.00
CA GLN B 575 -2.80 19.44 -21.55
C GLN B 575 -1.46 19.39 -20.83
N PRO B 576 -1.26 20.30 -19.85
CA PRO B 576 -0.15 20.11 -18.92
C PRO B 576 -0.47 18.96 -17.97
N LYS B 577 0.57 18.27 -17.50
CA LYS B 577 0.41 17.20 -16.53
C LYS B 577 -0.25 17.76 -15.26
N PRO B 578 -1.26 17.06 -14.72
CA PRO B 578 -1.88 17.49 -13.46
C PRO B 578 -0.83 17.62 -12.35
N ASN B 579 -0.91 18.71 -11.59
CA ASN B 579 -0.04 18.90 -10.43
C ASN B 579 -0.66 18.22 -9.22
N MET B 580 -0.37 16.93 -9.07
CA MET B 580 -1.05 16.11 -8.07
C MET B 580 -0.11 15.12 -7.40
N TYR B 581 -0.53 14.64 -6.24
CA TYR B 581 0.06 13.48 -5.60
C TYR B 581 -1.07 12.57 -5.15
N THR B 582 -0.78 11.28 -4.97
CA THR B 582 -1.74 10.36 -4.38
C THR B 582 -1.27 9.95 -2.99
N PRO B 583 -2.22 9.65 -2.08
CA PRO B 583 -1.88 9.19 -0.73
C PRO B 583 -0.95 7.98 -0.73
#